data_1LD8
#
_entry.id   1LD8
#
_cell.length_a   178.134
_cell.length_b   178.134
_cell.length_c   64.461
_cell.angle_alpha   90.00
_cell.angle_beta   90.00
_cell.angle_gamma   120.00
#
_symmetry.space_group_name_H-M   'P 61'
#
loop_
_entity.id
_entity.type
_entity.pdbx_description
1 polymer 'protein farnesyltransferase alpha subunit'
2 polymer 'protein farnesyltransferase beta subunit'
3 branched beta-D-fructofuranose-(2-1)-alpha-D-glucopyranose
4 non-polymer 'ACETIC ACID'
5 non-polymer 'ZINC ION'
6 non-polymer 'FARNESYL DIPHOSPHATE'
7 non-polymer '(20S)-19,20,21,22-TETRAHYDRO-19-OXO-5H-18,20-ETHANO-12,14-ETHENO-6,10-METHENO-18H-BENZ[D]IMIDAZO[4,3-K][1,6,9,12]OXATRI AZA-CYCLOOCTADECOSINE-9-CARBONITRILE'
8 water water
#
loop_
_entity_poly.entity_id
_entity_poly.type
_entity_poly.pdbx_seq_one_letter_code
_entity_poly.pdbx_strand_id
1 'polypeptide(L)'
;MAATEGVGEAAQGGEPGQPAQPPPQPHPPPPQQQHKEEMAAEAGEAVASPMDDGFVSLDSPSYVLYRDRAEWADIDPVPQ
NDGPNPVVQIIYSDKFRDVYDYFRAVLQRDERSERAFKLTRDAIELNAANYTVWHFRRVLLKSLQKDLHEEMNYITAIIE
EQPKNYQVWHHRRVLVEWLRDPSQELEFIADILNQDAKNYHAWQHRQWVIQEFKLWDNELQYVDQLLKEDVRNNSVWNQR
YFVISNTTGYNDRAVLEREVQYTLEMIKLVPHNESAWNYLKGILQDRGLSKYPNLLNQLLDLQPSHSSPYLIAFLVDIYE
DMLENQCDNKEDILNKALELCEILAKEKDTIRKEYWRYIGRSLQSKHSTENDSPTNVQQEEF
;
A
2 'polypeptide(L)'
;MASPSSFTYYCPPSSSPVWSEPLYSLRPEHARERLQDDSVETVTSIEQAKVEEKIQEVFSSYKFNHLVPRLVLQREKHFH
YLKRGLRQLTDAYECLDASRPWLCYWILHSLELLDEPIPQIVATDVCQFLELCQSPEGGFGGGPGQYPHLAPTYAAVNAL
CIIGTEEAYDIINREKLLQYLYSLKQPDGSFLMHVGGEVDVRSAYCAASVASLTNIITPDLFEGTAEWIARCQNWEGGIG
GVPGMEAHGGYTFCGLAALVILKRERSLNLKSLLQWVTSRQMRFEGGFQGRCNKLVDGCYSFWQAGLLPLLHRALHAQGD
PALSMSHWMFHQQALQEYILMCCQCPAGGLLDKPGKSRDFYHTCYCLSGLSIAQHFGSGAMLHDVVLGVPENALQPTHPV
YNIGPDKVIQATTYFLQKPVPGFEELKDETSAEPATD
;
B
#
loop_
_chem_comp.id
_chem_comp.type
_chem_comp.name
_chem_comp.formula
ACY non-polymer 'ACETIC ACID' 'C2 H4 O2'
FPP non-polymer 'FARNESYL DIPHOSPHATE' 'C15 H28 O7 P2'
FRU D-saccharide, beta linking beta-D-fructofuranose 'C6 H12 O6'
GLC D-saccharide, alpha linking alpha-D-glucopyranose 'C6 H12 O6'
U49 non-polymer '(20S)-19,20,21,22-TETRAHYDRO-19-OXO-5H-18,20-ETHANO-12,14-ETHENO-6,10-METHENO-18H-BENZ[D]IMIDAZO[4,3-K][1,6,9,12]OXATRI AZA-CYCLOOCTADECOSINE-9-CARBONITRILE' 'C26 H21 N5 O2'
ZN non-polymer 'ZINC ION' 'Zn 2'
#
# COMPACT_ATOMS: atom_id res chain seq x y z
N PHE A 55 33.76 3.93 -15.62
CA PHE A 55 34.88 4.89 -15.84
C PHE A 55 34.99 5.90 -14.71
N VAL A 56 34.05 6.84 -14.66
CA VAL A 56 34.05 7.87 -13.63
C VAL A 56 32.64 8.08 -13.07
N SER A 57 32.56 8.06 -11.74
CA SER A 57 31.28 8.24 -11.03
C SER A 57 30.88 9.71 -10.88
N LEU A 58 29.60 9.93 -10.61
CA LEU A 58 29.05 11.27 -10.44
C LEU A 58 29.68 12.06 -9.30
N ASP A 59 30.22 11.36 -8.31
CA ASP A 59 30.85 12.02 -7.18
C ASP A 59 32.37 12.01 -7.25
N SER A 60 32.93 11.40 -8.30
CA SER A 60 34.37 11.34 -8.46
C SER A 60 34.98 12.73 -8.68
N PRO A 61 36.17 12.98 -8.12
CA PRO A 61 36.80 14.30 -8.28
C PRO A 61 37.07 14.67 -9.74
N SER A 62 37.29 13.67 -10.60
CA SER A 62 37.56 13.95 -12.01
C SER A 62 36.33 13.86 -12.91
N TYR A 63 35.14 13.80 -12.32
CA TYR A 63 33.91 13.74 -13.11
C TYR A 63 33.77 14.99 -13.96
N VAL A 64 33.39 14.82 -15.22
CA VAL A 64 33.20 15.93 -16.15
C VAL A 64 31.77 15.90 -16.68
N LEU A 65 31.12 17.07 -16.74
CA LEU A 65 29.76 17.15 -17.27
C LEU A 65 29.78 16.67 -18.71
N TYR A 66 28.72 16.02 -19.14
CA TYR A 66 28.65 15.52 -20.51
C TYR A 66 28.76 16.63 -21.55
N ARG A 67 28.27 17.82 -21.23
CA ARG A 67 28.34 18.92 -22.17
C ARG A 67 29.79 19.38 -22.39
N ASP A 68 30.71 18.88 -21.55
CA ASP A 68 32.12 19.23 -21.67
C ASP A 68 32.99 18.09 -22.19
N ARG A 69 32.37 16.94 -22.45
CA ARG A 69 33.10 15.78 -22.93
C ARG A 69 33.26 15.79 -24.45
N ALA A 70 34.49 15.70 -24.91
CA ALA A 70 34.78 15.70 -26.34
C ALA A 70 34.13 14.53 -27.08
N GLU A 71 34.09 13.37 -26.44
CA GLU A 71 33.48 12.20 -27.07
C GLU A 71 31.97 12.31 -27.19
N TRP A 72 31.41 13.40 -26.67
CA TRP A 72 29.97 13.64 -26.74
C TRP A 72 29.61 14.90 -27.50
N ALA A 73 30.61 15.58 -28.04
CA ALA A 73 30.41 16.82 -28.77
C ALA A 73 29.59 16.70 -30.06
N ASP A 74 29.58 15.51 -30.65
CA ASP A 74 28.86 15.28 -31.91
C ASP A 74 27.34 15.20 -31.77
N ILE A 75 26.84 15.08 -30.54
CA ILE A 75 25.40 15.00 -30.36
C ILE A 75 24.89 16.16 -29.51
N ASP A 76 23.78 16.76 -29.94
CA ASP A 76 23.20 17.88 -29.21
C ASP A 76 22.28 17.38 -28.11
N PRO A 77 22.39 17.99 -26.92
CA PRO A 77 21.55 17.59 -25.79
C PRO A 77 20.09 17.99 -26.04
N VAL A 78 19.15 17.21 -25.52
CA VAL A 78 17.74 17.52 -25.70
C VAL A 78 17.13 17.96 -24.37
N PRO A 79 16.85 19.27 -24.24
CA PRO A 79 16.25 19.82 -23.02
C PRO A 79 14.87 19.22 -22.76
N GLN A 80 14.48 19.20 -21.49
CA GLN A 80 13.16 18.69 -21.13
C GLN A 80 12.17 19.84 -21.33
N ASN A 81 11.10 19.59 -22.07
CA ASN A 81 10.11 20.63 -22.28
C ASN A 81 8.96 20.51 -21.29
N ASP A 82 8.96 21.38 -20.28
CA ASP A 82 7.93 21.40 -19.26
C ASP A 82 6.81 22.38 -19.59
N GLY A 83 6.91 23.00 -20.76
CA GLY A 83 5.88 23.96 -21.16
C GLY A 83 6.23 25.37 -20.72
N PRO A 84 5.50 26.39 -21.21
CA PRO A 84 5.74 27.79 -20.87
C PRO A 84 5.47 28.16 -19.41
N ASN A 85 4.48 27.53 -18.80
CA ASN A 85 4.13 27.80 -17.41
C ASN A 85 4.14 26.48 -16.64
N PRO A 86 5.33 25.98 -16.32
CA PRO A 86 5.51 24.72 -15.60
C PRO A 86 4.86 24.59 -14.22
N VAL A 87 4.56 23.35 -13.86
CA VAL A 87 3.96 23.01 -12.58
C VAL A 87 4.84 21.89 -12.01
N VAL A 88 4.81 21.72 -10.69
CA VAL A 88 5.64 20.72 -10.02
C VAL A 88 7.01 20.66 -10.68
N GLN A 89 7.54 21.84 -10.96
CA GLN A 89 8.84 21.98 -11.61
C GLN A 89 9.99 21.79 -10.63
N ILE A 90 10.80 20.78 -10.89
CA ILE A 90 11.94 20.47 -10.04
C ILE A 90 13.16 21.28 -10.48
N ILE A 91 13.73 22.03 -9.55
CA ILE A 91 14.92 22.83 -9.86
C ILE A 91 16.12 21.91 -9.78
N TYR A 92 16.36 21.18 -10.86
CA TYR A 92 17.47 20.22 -10.93
C TYR A 92 18.85 20.82 -10.72
N SER A 93 19.76 20.03 -10.19
CA SER A 93 21.13 20.48 -10.00
C SER A 93 21.71 20.50 -11.42
N ASP A 94 22.83 21.18 -11.61
CA ASP A 94 23.44 21.26 -12.93
C ASP A 94 23.83 19.86 -13.42
N LYS A 95 24.39 19.04 -12.54
CA LYS A 95 24.79 17.69 -12.92
C LYS A 95 23.61 16.80 -13.31
N PHE A 96 22.50 16.94 -12.59
CA PHE A 96 21.31 16.15 -12.88
C PHE A 96 20.78 16.47 -14.27
N ARG A 97 20.54 17.76 -14.53
CA ARG A 97 20.03 18.18 -15.82
C ARG A 97 20.97 17.81 -16.96
N ASP A 98 22.27 17.96 -16.74
CA ASP A 98 23.27 17.64 -17.77
C ASP A 98 23.12 16.19 -18.24
N VAL A 99 23.12 15.26 -17.29
CA VAL A 99 22.98 13.85 -17.62
C VAL A 99 21.67 13.57 -18.36
N TYR A 100 20.56 14.11 -17.86
CA TYR A 100 19.29 13.85 -18.50
C TYR A 100 19.06 14.54 -19.83
N ASP A 101 19.75 15.65 -20.07
CA ASP A 101 19.62 16.33 -21.35
C ASP A 101 20.24 15.42 -22.40
N TYR A 102 21.32 14.74 -22.02
CA TYR A 102 21.98 13.84 -22.95
C TYR A 102 21.27 12.49 -23.03
N PHE A 103 20.68 12.06 -21.92
CA PHE A 103 19.95 10.81 -21.94
C PHE A 103 18.80 10.98 -22.94
N ARG A 104 18.11 12.11 -22.83
CA ARG A 104 17.00 12.39 -23.73
C ARG A 104 17.43 12.40 -25.18
N ALA A 105 18.67 12.85 -25.43
CA ALA A 105 19.20 12.89 -26.79
C ALA A 105 19.45 11.49 -27.34
N VAL A 106 20.07 10.63 -26.55
CA VAL A 106 20.36 9.27 -27.00
C VAL A 106 19.07 8.47 -27.16
N LEU A 107 18.12 8.69 -26.25
CA LEU A 107 16.85 7.98 -26.30
C LEU A 107 16.10 8.38 -27.56
N GLN A 108 15.98 9.68 -27.79
CA GLN A 108 15.29 10.22 -28.96
C GLN A 108 15.96 9.75 -30.25
N ARG A 109 17.26 9.52 -30.18
CA ARG A 109 18.05 9.09 -31.32
C ARG A 109 18.13 7.56 -31.36
N ASP A 110 17.65 6.92 -30.29
CA ASP A 110 17.69 5.46 -30.17
C ASP A 110 19.10 4.96 -30.51
N GLU A 111 20.08 5.64 -29.92
CA GLU A 111 21.48 5.28 -30.14
C GLU A 111 21.89 4.10 -29.26
N ARG A 112 22.08 2.95 -29.88
CA ARG A 112 22.50 1.76 -29.15
C ARG A 112 24.03 1.77 -29.13
N SER A 113 24.61 2.52 -28.19
CA SER A 113 26.05 2.62 -28.12
C SER A 113 26.62 2.39 -26.73
N GLU A 114 27.93 2.16 -26.69
CA GLU A 114 28.64 1.94 -25.45
C GLU A 114 28.59 3.22 -24.61
N ARG A 115 28.71 4.38 -25.25
CA ARG A 115 28.67 5.62 -24.51
C ARG A 115 27.29 5.82 -23.91
N ALA A 116 26.25 5.44 -24.67
CA ALA A 116 24.89 5.55 -24.17
C ALA A 116 24.73 4.62 -22.98
N PHE A 117 25.31 3.42 -23.09
CA PHE A 117 25.23 2.44 -22.02
C PHE A 117 25.86 2.97 -20.73
N LYS A 118 27.04 3.58 -20.84
CA LYS A 118 27.70 4.13 -19.66
C LYS A 118 26.90 5.30 -19.09
N LEU A 119 26.24 6.04 -19.98
CA LEU A 119 25.44 7.19 -19.56
C LEU A 119 24.27 6.77 -18.66
N THR A 120 23.64 5.65 -18.98
CA THR A 120 22.50 5.19 -18.18
C THR A 120 22.91 4.93 -16.74
N ARG A 121 24.16 4.52 -16.53
CA ARG A 121 24.64 4.27 -15.17
C ARG A 121 24.59 5.55 -14.34
N ASP A 122 24.94 6.68 -14.97
CA ASP A 122 24.91 7.96 -14.27
C ASP A 122 23.48 8.42 -14.06
N ALA A 123 22.64 8.20 -15.07
CA ALA A 123 21.23 8.59 -14.98
C ALA A 123 20.60 7.82 -13.82
N ILE A 124 20.94 6.54 -13.71
CA ILE A 124 20.42 5.69 -12.66
C ILE A 124 20.87 6.15 -11.27
N GLU A 125 22.13 6.56 -11.14
CA GLU A 125 22.62 7.01 -9.85
C GLU A 125 21.87 8.27 -9.43
N LEU A 126 21.54 9.12 -10.40
CA LEU A 126 20.81 10.36 -10.14
C LEU A 126 19.37 10.09 -9.72
N ASN A 127 18.75 9.08 -10.35
CA ASN A 127 17.40 8.70 -10.02
C ASN A 127 17.18 7.24 -10.40
N ALA A 128 17.38 6.36 -9.42
CA ALA A 128 17.23 4.93 -9.63
C ALA A 128 15.78 4.52 -9.88
N ALA A 129 14.84 5.43 -9.65
CA ALA A 129 13.42 5.12 -9.87
C ALA A 129 12.97 5.45 -11.30
N ASN A 130 13.89 5.94 -12.13
CA ASN A 130 13.52 6.27 -13.50
C ASN A 130 13.48 4.98 -14.33
N TYR A 131 12.27 4.43 -14.47
CA TYR A 131 12.06 3.18 -15.20
C TYR A 131 12.36 3.26 -16.69
N THR A 132 12.31 4.46 -17.24
CA THR A 132 12.60 4.66 -18.65
C THR A 132 14.08 4.38 -18.91
N VAL A 133 14.93 4.89 -18.02
CA VAL A 133 16.36 4.68 -18.14
C VAL A 133 16.66 3.19 -18.02
N TRP A 134 16.07 2.56 -17.03
CA TRP A 134 16.27 1.12 -16.82
C TRP A 134 15.88 0.32 -18.04
N HIS A 135 14.75 0.66 -18.65
CA HIS A 135 14.30 -0.06 -19.84
C HIS A 135 15.30 0.11 -20.97
N PHE A 136 15.75 1.34 -21.19
CA PHE A 136 16.71 1.61 -22.25
C PHE A 136 18.02 0.87 -21.98
N ARG A 137 18.43 0.80 -20.72
CA ARG A 137 19.66 0.11 -20.37
C ARG A 137 19.56 -1.36 -20.75
N ARG A 138 18.38 -1.95 -20.53
CA ARG A 138 18.18 -3.35 -20.88
C ARG A 138 18.19 -3.54 -22.41
N VAL A 139 17.70 -2.53 -23.14
CA VAL A 139 17.71 -2.61 -24.59
C VAL A 139 19.17 -2.60 -25.05
N LEU A 140 19.99 -1.82 -24.37
CA LEU A 140 21.41 -1.73 -24.68
C LEU A 140 22.16 -3.01 -24.32
N LEU A 141 21.83 -3.59 -23.17
CA LEU A 141 22.48 -4.83 -22.74
C LEU A 141 22.32 -5.86 -23.85
N LYS A 142 21.14 -5.90 -24.44
CA LYS A 142 20.80 -6.82 -25.52
C LYS A 142 21.55 -6.45 -26.81
N SER A 143 21.31 -5.24 -27.30
CA SER A 143 21.95 -4.76 -28.53
C SER A 143 23.46 -4.84 -28.54
N LEU A 144 24.08 -4.48 -27.42
CA LEU A 144 25.54 -4.50 -27.31
C LEU A 144 26.08 -5.84 -26.87
N GLN A 145 25.20 -6.79 -26.61
CA GLN A 145 25.61 -8.12 -26.16
C GLN A 145 26.56 -8.00 -24.96
N LYS A 146 26.15 -7.22 -23.97
CA LYS A 146 26.95 -7.01 -22.78
C LYS A 146 27.01 -8.26 -21.91
N ASP A 147 28.11 -8.40 -21.17
CA ASP A 147 28.30 -9.53 -20.28
C ASP A 147 27.29 -9.40 -19.13
N LEU A 148 26.32 -10.31 -19.08
CA LEU A 148 25.29 -10.25 -18.06
C LEU A 148 25.75 -10.53 -16.63
N HIS A 149 26.85 -11.26 -16.48
CA HIS A 149 27.36 -11.54 -15.15
C HIS A 149 27.94 -10.26 -14.58
N GLU A 150 28.49 -9.42 -15.46
CA GLU A 150 29.05 -8.15 -15.06
C GLU A 150 27.88 -7.27 -14.61
N GLU A 151 26.79 -7.31 -15.36
CA GLU A 151 25.60 -6.52 -15.02
C GLU A 151 25.03 -6.99 -13.68
N MET A 152 25.12 -8.29 -13.41
CA MET A 152 24.64 -8.83 -12.15
C MET A 152 25.42 -8.25 -10.98
N ASN A 153 26.73 -8.09 -11.17
CA ASN A 153 27.57 -7.51 -10.13
C ASN A 153 27.15 -6.07 -9.91
N TYR A 154 26.77 -5.41 -11.00
CA TYR A 154 26.32 -4.03 -10.95
C TYR A 154 25.01 -3.91 -10.18
N ILE A 155 24.01 -4.69 -10.57
CA ILE A 155 22.70 -4.62 -9.91
C ILE A 155 22.79 -5.04 -8.44
N THR A 156 23.76 -5.91 -8.14
CA THR A 156 23.97 -6.36 -6.77
C THR A 156 24.35 -5.16 -5.90
N ALA A 157 25.31 -4.37 -6.38
CA ALA A 157 25.76 -3.20 -5.65
C ALA A 157 24.64 -2.14 -5.58
N ILE A 158 23.89 -1.99 -6.66
CA ILE A 158 22.81 -1.03 -6.71
C ILE A 158 21.72 -1.33 -5.68
N ILE A 159 21.27 -2.58 -5.64
CA ILE A 159 20.23 -2.99 -4.70
C ILE A 159 20.70 -2.83 -3.25
N GLU A 160 21.97 -3.17 -2.99
CA GLU A 160 22.53 -3.04 -1.65
C GLU A 160 22.37 -1.60 -1.18
N GLU A 161 22.57 -0.66 -2.10
CA GLU A 161 22.45 0.77 -1.79
C GLU A 161 21.01 1.27 -1.69
N GLN A 162 20.16 0.80 -2.59
CA GLN A 162 18.76 1.22 -2.61
C GLN A 162 17.84 0.00 -2.74
N PRO A 163 17.67 -0.75 -1.63
CA PRO A 163 16.84 -1.96 -1.59
C PRO A 163 15.32 -1.75 -1.66
N LYS A 164 14.85 -0.56 -1.32
CA LYS A 164 13.42 -0.27 -1.37
C LYS A 164 13.11 0.49 -2.65
N ASN A 165 13.09 -0.24 -3.76
CA ASN A 165 12.87 0.35 -5.07
C ASN A 165 12.42 -0.77 -6.01
N TYR A 166 11.35 -0.54 -6.76
CA TYR A 166 10.82 -1.55 -7.66
C TYR A 166 11.69 -1.86 -8.87
N GLN A 167 12.22 -0.81 -9.51
CA GLN A 167 13.02 -0.96 -10.71
C GLN A 167 14.27 -1.82 -10.57
N VAL A 168 15.02 -1.65 -9.48
CA VAL A 168 16.24 -2.42 -9.29
C VAL A 168 16.00 -3.90 -9.12
N TRP A 169 14.95 -4.27 -8.37
CA TRP A 169 14.65 -5.67 -8.19
C TRP A 169 14.15 -6.30 -9.48
N HIS A 170 13.36 -5.55 -10.26
CA HIS A 170 12.86 -6.10 -11.51
C HIS A 170 14.01 -6.31 -12.49
N HIS A 171 14.95 -5.37 -12.52
CA HIS A 171 16.11 -5.48 -13.40
C HIS A 171 16.86 -6.77 -13.09
N ARG A 172 17.07 -7.04 -11.80
CA ARG A 172 17.76 -8.24 -11.38
C ARG A 172 17.00 -9.49 -11.83
N ARG A 173 15.68 -9.47 -11.67
CA ARG A 173 14.88 -10.61 -12.10
C ARG A 173 15.04 -10.87 -13.59
N VAL A 174 15.03 -9.80 -14.39
CA VAL A 174 15.19 -9.95 -15.84
C VAL A 174 16.53 -10.60 -16.15
N LEU A 175 17.59 -10.16 -15.48
CA LEU A 175 18.92 -10.72 -15.68
C LEU A 175 18.94 -12.22 -15.36
N VAL A 176 18.37 -12.56 -14.20
CA VAL A 176 18.32 -13.96 -13.80
C VAL A 176 17.54 -14.77 -14.83
N GLU A 177 16.46 -14.19 -15.35
CA GLU A 177 15.65 -14.86 -16.37
C GLU A 177 16.44 -15.04 -17.66
N TRP A 178 17.19 -14.01 -18.06
CA TRP A 178 17.99 -14.09 -19.28
C TRP A 178 19.10 -15.12 -19.15
N LEU A 179 19.73 -15.16 -17.98
CA LEU A 179 20.81 -16.09 -17.72
C LEU A 179 20.32 -17.47 -17.32
N ARG A 180 19.09 -17.55 -16.81
CA ARG A 180 18.55 -18.83 -16.34
C ARG A 180 19.53 -19.32 -15.28
N ASP A 181 20.07 -18.38 -14.52
CA ASP A 181 21.05 -18.67 -13.47
C ASP A 181 20.69 -18.04 -12.11
N PRO A 182 20.13 -18.86 -11.20
CA PRO A 182 19.72 -18.42 -9.86
C PRO A 182 20.75 -18.73 -8.78
N SER A 183 21.92 -19.20 -9.18
CA SER A 183 22.97 -19.59 -8.23
C SER A 183 23.39 -18.57 -7.17
N GLN A 184 23.21 -17.28 -7.45
CA GLN A 184 23.60 -16.23 -6.49
C GLN A 184 22.43 -15.65 -5.69
N GLU A 185 21.21 -15.91 -6.15
CA GLU A 185 20.02 -15.36 -5.53
C GLU A 185 19.77 -15.55 -4.03
N LEU A 186 19.65 -16.78 -3.57
CA LEU A 186 19.36 -17.01 -2.16
C LEU A 186 20.38 -16.36 -1.22
N GLU A 187 21.65 -16.40 -1.59
CA GLU A 187 22.68 -15.81 -0.75
C GLU A 187 22.59 -14.28 -0.78
N PHE A 188 22.39 -13.72 -1.97
CA PHE A 188 22.28 -12.28 -2.09
C PHE A 188 21.08 -11.75 -1.32
N ILE A 189 19.93 -12.39 -1.52
CA ILE A 189 18.71 -11.99 -0.82
C ILE A 189 18.92 -12.08 0.69
N ALA A 190 19.57 -13.15 1.13
CA ALA A 190 19.84 -13.34 2.55
C ALA A 190 20.64 -12.15 3.12
N ASP A 191 21.54 -11.60 2.32
CA ASP A 191 22.35 -10.48 2.78
C ASP A 191 21.48 -9.23 2.91
N ILE A 192 20.57 -9.03 1.97
CA ILE A 192 19.67 -7.89 2.01
C ILE A 192 18.78 -8.01 3.23
N LEU A 193 18.24 -9.20 3.46
CA LEU A 193 17.36 -9.44 4.60
C LEU A 193 18.11 -9.36 5.92
N ASN A 194 19.42 -9.52 5.88
CA ASN A 194 20.20 -9.44 7.11
C ASN A 194 20.26 -7.98 7.55
N GLN A 195 20.02 -7.07 6.61
CA GLN A 195 20.02 -5.64 6.90
C GLN A 195 18.61 -5.14 7.23
N ASP A 196 17.61 -5.73 6.58
CA ASP A 196 16.21 -5.39 6.80
C ASP A 196 15.46 -6.70 6.58
N ALA A 197 15.16 -7.39 7.67
CA ALA A 197 14.50 -8.69 7.62
C ALA A 197 13.08 -8.69 7.06
N LYS A 198 12.53 -7.51 6.77
CA LYS A 198 11.17 -7.42 6.26
C LYS A 198 11.04 -6.76 4.88
N ASN A 199 12.16 -6.49 4.23
CA ASN A 199 12.12 -5.86 2.91
C ASN A 199 11.15 -6.64 2.02
N TYR A 200 10.07 -5.99 1.62
CA TYR A 200 9.03 -6.63 0.81
C TYR A 200 9.52 -7.12 -0.55
N HIS A 201 10.29 -6.29 -1.26
CA HIS A 201 10.80 -6.68 -2.58
C HIS A 201 11.72 -7.88 -2.47
N ALA A 202 12.54 -7.90 -1.43
CA ALA A 202 13.47 -8.99 -1.21
C ALA A 202 12.72 -10.30 -1.04
N TRP A 203 11.71 -10.31 -0.17
CA TRP A 203 10.93 -11.53 0.04
C TRP A 203 10.21 -11.96 -1.23
N GLN A 204 9.67 -10.99 -1.98
CA GLN A 204 8.95 -11.30 -3.21
C GLN A 204 9.87 -11.93 -4.25
N HIS A 205 11.08 -11.38 -4.36
CA HIS A 205 12.06 -11.88 -5.30
C HIS A 205 12.48 -13.28 -4.89
N ARG A 206 12.57 -13.51 -3.57
CA ARG A 206 12.97 -14.80 -3.04
C ARG A 206 11.93 -15.86 -3.42
N GLN A 207 10.65 -15.54 -3.25
CA GLN A 207 9.60 -16.48 -3.59
C GLN A 207 9.62 -16.82 -5.08
N TRP A 208 9.84 -15.80 -5.92
CA TRP A 208 9.89 -16.02 -7.35
C TRP A 208 11.01 -16.98 -7.74
N VAL A 209 12.22 -16.71 -7.25
CA VAL A 209 13.37 -17.54 -7.55
C VAL A 209 13.14 -18.98 -7.10
N ILE A 210 12.73 -19.14 -5.85
CA ILE A 210 12.47 -20.46 -5.31
C ILE A 210 11.46 -21.24 -6.13
N GLN A 211 10.37 -20.57 -6.49
CA GLN A 211 9.32 -21.22 -7.26
C GLN A 211 9.71 -21.46 -8.72
N GLU A 212 10.35 -20.48 -9.33
CA GLU A 212 10.75 -20.61 -10.73
C GLU A 212 11.85 -21.63 -10.98
N PHE A 213 12.81 -21.71 -10.06
CA PHE A 213 13.91 -22.66 -10.22
C PHE A 213 13.85 -23.84 -9.26
N LYS A 214 12.71 -24.00 -8.60
CA LYS A 214 12.48 -25.10 -7.67
C LYS A 214 13.57 -25.27 -6.63
N LEU A 215 13.84 -24.20 -5.87
CA LEU A 215 14.88 -24.25 -4.83
C LEU A 215 14.21 -24.28 -3.45
N TRP A 216 13.41 -25.30 -3.20
CA TRP A 216 12.68 -25.44 -1.94
C TRP A 216 13.44 -26.12 -0.80
N ASP A 217 14.39 -26.97 -1.16
CA ASP A 217 15.17 -27.75 -0.20
C ASP A 217 15.60 -27.18 1.15
N ASN A 218 16.11 -25.95 1.17
CA ASN A 218 16.59 -25.37 2.43
C ASN A 218 15.82 -24.17 2.95
N GLU A 219 14.70 -23.83 2.34
CA GLU A 219 13.98 -22.64 2.80
C GLU A 219 13.30 -22.75 4.16
N LEU A 220 12.85 -23.94 4.55
CA LEU A 220 12.20 -24.08 5.85
C LEU A 220 13.26 -23.89 6.94
N GLN A 221 14.48 -24.34 6.68
CA GLN A 221 15.56 -24.19 7.64
C GLN A 221 15.85 -22.69 7.76
N TYR A 222 15.82 -21.99 6.63
CA TYR A 222 16.07 -20.56 6.61
C TYR A 222 14.98 -19.84 7.42
N VAL A 223 13.73 -20.27 7.20
CA VAL A 223 12.60 -19.71 7.91
C VAL A 223 12.79 -19.88 9.42
N ASP A 224 13.13 -21.10 9.84
CA ASP A 224 13.31 -21.38 11.26
C ASP A 224 14.41 -20.53 11.88
N GLN A 225 15.48 -20.25 11.13
CA GLN A 225 16.55 -19.43 11.66
C GLN A 225 16.09 -17.99 11.89
N LEU A 226 15.38 -17.43 10.92
CA LEU A 226 14.90 -16.06 11.05
C LEU A 226 13.83 -15.92 12.14
N LEU A 227 13.03 -16.96 12.34
CA LEU A 227 12.00 -16.91 13.39
C LEU A 227 12.67 -16.95 14.76
N LYS A 228 13.86 -17.55 14.79
CA LYS A 228 14.62 -17.63 16.04
C LYS A 228 15.15 -16.24 16.36
N GLU A 229 15.58 -15.51 15.34
CA GLU A 229 16.12 -14.17 15.52
C GLU A 229 15.00 -13.19 15.90
N ASP A 230 13.84 -13.33 15.29
CA ASP A 230 12.70 -12.47 15.58
C ASP A 230 11.42 -13.23 15.24
N VAL A 231 10.82 -13.84 16.26
CA VAL A 231 9.61 -14.63 16.11
C VAL A 231 8.40 -13.76 15.73
N ARG A 232 8.58 -12.43 15.80
CA ARG A 232 7.52 -11.50 15.45
C ARG A 232 7.60 -11.05 13.99
N ASN A 233 8.57 -11.58 13.25
CA ASN A 233 8.73 -11.18 11.85
C ASN A 233 7.64 -11.81 10.99
N ASN A 234 6.60 -11.04 10.72
CA ASN A 234 5.46 -11.51 9.94
C ASN A 234 5.84 -11.98 8.53
N SER A 235 6.87 -11.37 7.95
CA SER A 235 7.31 -11.76 6.61
C SER A 235 7.82 -13.20 6.61
N VAL A 236 8.37 -13.64 7.74
CA VAL A 236 8.91 -14.99 7.85
C VAL A 236 7.79 -16.01 8.05
N TRP A 237 6.75 -15.64 8.81
CA TRP A 237 5.64 -16.56 8.99
C TRP A 237 4.97 -16.73 7.63
N ASN A 238 4.96 -15.66 6.83
CA ASN A 238 4.37 -15.74 5.51
C ASN A 238 5.18 -16.69 4.64
N GLN A 239 6.49 -16.59 4.72
CA GLN A 239 7.37 -17.46 3.95
C GLN A 239 7.16 -18.90 4.39
N ARG A 240 6.89 -19.09 5.68
CA ARG A 240 6.68 -20.43 6.21
C ARG A 240 5.47 -21.07 5.52
N TYR A 241 4.38 -20.32 5.42
CA TYR A 241 3.18 -20.82 4.77
C TYR A 241 3.48 -21.08 3.30
N PHE A 242 4.22 -20.15 2.69
CA PHE A 242 4.60 -20.26 1.28
C PHE A 242 5.34 -21.58 1.03
N VAL A 243 6.34 -21.86 1.86
CA VAL A 243 7.14 -23.07 1.70
C VAL A 243 6.35 -24.37 1.88
N ILE A 244 5.64 -24.47 3.00
CA ILE A 244 4.88 -25.68 3.30
C ILE A 244 3.75 -25.96 2.31
N SER A 245 2.98 -24.92 1.97
CA SER A 245 1.87 -25.11 1.04
C SER A 245 2.34 -25.56 -0.34
N ASN A 246 3.56 -25.17 -0.71
CA ASN A 246 4.10 -25.54 -2.01
C ASN A 246 4.95 -26.80 -2.04
N THR A 247 5.24 -27.35 -0.87
CA THR A 247 6.04 -28.57 -0.79
C THR A 247 5.16 -29.76 -0.37
N THR A 248 4.98 -29.93 0.93
CA THR A 248 4.18 -31.02 1.45
C THR A 248 2.69 -30.70 1.46
N GLY A 249 2.36 -29.43 1.60
CA GLY A 249 0.97 -29.02 1.66
C GLY A 249 0.55 -29.19 3.11
N TYR A 250 -0.65 -28.75 3.45
CA TYR A 250 -1.14 -28.89 4.83
C TYR A 250 -2.15 -30.01 5.01
N ASN A 251 -2.47 -30.74 3.93
CA ASN A 251 -3.42 -31.84 4.02
C ASN A 251 -2.84 -33.02 4.76
N ASP A 252 -1.52 -33.15 4.73
CA ASP A 252 -0.85 -34.23 5.44
C ASP A 252 -1.05 -33.92 6.93
N ARG A 253 -1.84 -34.74 7.60
CA ARG A 253 -2.14 -34.52 9.02
C ARG A 253 -0.92 -34.49 9.92
N ALA A 254 0.13 -35.21 9.56
CA ALA A 254 1.34 -35.21 10.38
C ALA A 254 1.98 -33.83 10.28
N VAL A 255 1.97 -33.27 9.08
CA VAL A 255 2.54 -31.95 8.85
C VAL A 255 1.72 -30.89 9.59
N LEU A 256 0.40 -30.97 9.48
CA LEU A 256 -0.47 -30.01 10.15
C LEU A 256 -0.28 -30.04 11.66
N GLU A 257 -0.18 -31.24 12.22
CA GLU A 257 0.02 -31.41 13.65
C GLU A 257 1.35 -30.77 14.07
N ARG A 258 2.39 -31.00 13.28
CA ARG A 258 3.70 -30.44 13.54
C ARG A 258 3.61 -28.91 13.57
N GLU A 259 2.90 -28.35 12.59
CA GLU A 259 2.75 -26.91 12.49
C GLU A 259 1.93 -26.33 13.64
N VAL A 260 0.85 -27.00 14.00
CA VAL A 260 0.02 -26.51 15.09
C VAL A 260 0.80 -26.53 16.40
N GLN A 261 1.56 -27.61 16.64
CA GLN A 261 2.37 -27.75 17.84
C GLN A 261 3.44 -26.67 17.87
N TYR A 262 4.11 -26.47 16.74
CA TYR A 262 5.15 -25.46 16.63
C TYR A 262 4.59 -24.08 16.97
N THR A 263 3.48 -23.74 16.34
CA THR A 263 2.84 -22.45 16.55
C THR A 263 2.37 -22.25 17.99
N LEU A 264 1.75 -23.28 18.57
CA LEU A 264 1.27 -23.18 19.94
C LEU A 264 2.44 -22.96 20.88
N GLU A 265 3.57 -23.58 20.58
CA GLU A 265 4.75 -23.41 21.41
C GLU A 265 5.25 -21.96 21.31
N MET A 266 5.23 -21.40 20.11
CA MET A 266 5.67 -20.03 19.94
C MET A 266 4.74 -19.08 20.68
N ILE A 267 3.45 -19.42 20.68
CA ILE A 267 2.46 -18.60 21.38
C ILE A 267 2.69 -18.61 22.89
N LYS A 268 3.03 -19.77 23.44
CA LYS A 268 3.28 -19.87 24.86
C LYS A 268 4.52 -19.05 25.23
N LEU A 269 5.51 -19.03 24.35
CA LEU A 269 6.74 -18.28 24.57
C LEU A 269 6.50 -16.77 24.50
N VAL A 270 5.68 -16.35 23.54
CA VAL A 270 5.37 -14.94 23.35
C VAL A 270 3.87 -14.81 23.08
N PRO A 271 3.05 -14.89 24.14
CA PRO A 271 1.59 -14.81 24.10
C PRO A 271 0.98 -13.64 23.33
N HIS A 272 1.66 -12.49 23.31
CA HIS A 272 1.13 -11.32 22.63
C HIS A 272 1.69 -11.07 21.23
N ASN A 273 2.35 -12.07 20.65
CA ASN A 273 2.88 -11.93 19.30
C ASN A 273 1.75 -12.30 18.36
N GLU A 274 1.20 -11.31 17.68
CA GLU A 274 0.07 -11.54 16.78
C GLU A 274 0.34 -12.46 15.59
N SER A 275 1.55 -12.42 15.04
CA SER A 275 1.88 -13.25 13.88
C SER A 275 1.64 -14.74 14.08
N ALA A 276 2.03 -15.27 15.24
CA ALA A 276 1.83 -16.69 15.54
C ALA A 276 0.33 -17.02 15.59
N TRP A 277 -0.43 -16.14 16.24
CA TRP A 277 -1.88 -16.35 16.34
C TRP A 277 -2.51 -16.34 14.95
N ASN A 278 -2.07 -15.40 14.12
CA ASN A 278 -2.59 -15.29 12.76
C ASN A 278 -2.25 -16.51 11.92
N TYR A 279 -1.06 -17.06 12.15
CA TYR A 279 -0.62 -18.24 11.41
C TYR A 279 -1.45 -19.44 11.85
N LEU A 280 -1.71 -19.54 13.15
CA LEU A 280 -2.50 -20.64 13.68
C LEU A 280 -3.87 -20.65 13.00
N LYS A 281 -4.52 -19.48 12.96
CA LYS A 281 -5.83 -19.39 12.32
C LYS A 281 -5.70 -19.65 10.82
N GLY A 282 -4.65 -19.10 10.21
CA GLY A 282 -4.42 -19.27 8.79
C GLY A 282 -4.36 -20.71 8.29
N ILE A 283 -3.70 -21.59 9.04
CA ILE A 283 -3.57 -22.98 8.61
C ILE A 283 -4.75 -23.87 8.97
N LEU A 284 -5.71 -23.34 9.72
CA LEU A 284 -6.88 -24.13 10.12
C LEU A 284 -8.20 -23.57 9.58
N GLN A 285 -8.21 -22.29 9.21
CA GLN A 285 -9.45 -21.65 8.74
C GLN A 285 -10.18 -22.27 7.56
N ASP A 286 -9.46 -22.72 6.54
CA ASP A 286 -10.12 -23.29 5.37
C ASP A 286 -10.96 -24.52 5.69
N ARG A 287 -10.44 -25.40 6.53
CA ARG A 287 -11.18 -26.58 6.91
C ARG A 287 -12.27 -26.21 7.91
N GLY A 288 -12.01 -25.19 8.71
CA GLY A 288 -12.97 -24.76 9.70
C GLY A 288 -12.43 -24.96 11.11
N LEU A 289 -12.34 -23.86 11.86
CA LEU A 289 -11.81 -23.92 13.21
C LEU A 289 -12.55 -24.90 14.12
N SER A 290 -13.85 -25.09 13.89
CA SER A 290 -14.64 -25.99 14.71
C SER A 290 -14.32 -27.46 14.44
N LYS A 291 -13.51 -27.72 13.41
CA LYS A 291 -13.14 -29.10 13.07
C LYS A 291 -12.02 -29.62 13.97
N TYR A 292 -11.52 -28.76 14.85
CA TYR A 292 -10.44 -29.13 15.75
C TYR A 292 -10.86 -28.95 17.20
N PRO A 293 -11.71 -29.86 17.71
CA PRO A 293 -12.22 -29.84 19.09
C PRO A 293 -11.20 -29.71 20.20
N ASN A 294 -10.04 -30.36 20.06
CA ASN A 294 -9.03 -30.28 21.09
C ASN A 294 -8.41 -28.89 21.23
N LEU A 295 -8.33 -28.16 20.11
CA LEU A 295 -7.76 -26.82 20.14
C LEU A 295 -8.57 -25.89 21.06
N LEU A 296 -9.89 -26.00 20.99
CA LEU A 296 -10.75 -25.18 21.83
C LEU A 296 -10.47 -25.42 23.30
N ASN A 297 -10.41 -26.69 23.69
CA ASN A 297 -10.14 -27.05 25.08
C ASN A 297 -8.79 -26.52 25.54
N GLN A 298 -7.76 -26.72 24.72
CA GLN A 298 -6.42 -26.26 25.08
C GLN A 298 -6.38 -24.74 25.24
N LEU A 299 -7.03 -24.02 24.34
CA LEU A 299 -7.05 -22.56 24.44
C LEU A 299 -7.85 -22.13 25.66
N LEU A 300 -8.91 -22.89 25.95
CA LEU A 300 -9.77 -22.60 27.09
C LEU A 300 -8.99 -22.70 28.40
N ASP A 301 -8.09 -23.67 28.49
CA ASP A 301 -7.29 -23.86 29.70
C ASP A 301 -6.27 -22.74 29.90
N LEU A 302 -5.85 -22.13 28.80
CA LEU A 302 -4.86 -21.07 28.86
C LEU A 302 -5.46 -19.70 29.13
N GLN A 303 -6.75 -19.55 28.83
CA GLN A 303 -7.43 -18.28 29.01
C GLN A 303 -7.17 -17.63 30.38
N PRO A 304 -7.45 -18.36 31.47
CA PRO A 304 -7.23 -17.79 32.80
C PRO A 304 -5.82 -17.22 33.00
N SER A 305 -4.82 -17.88 32.41
CA SER A 305 -3.44 -17.44 32.53
C SER A 305 -2.95 -16.63 31.33
N HIS A 306 -2.52 -17.35 30.27
CA HIS A 306 -2.01 -16.70 29.06
C HIS A 306 -3.06 -15.98 28.22
N SER A 307 -4.07 -15.40 28.87
CA SER A 307 -5.11 -14.69 28.16
C SER A 307 -4.55 -13.56 27.30
N SER A 308 -5.45 -12.87 26.61
CA SER A 308 -5.09 -11.76 25.74
C SER A 308 -6.23 -11.57 24.74
N PRO A 309 -6.28 -10.42 24.05
CA PRO A 309 -7.37 -10.23 23.10
C PRO A 309 -7.25 -11.23 21.94
N TYR A 310 -6.03 -11.68 21.66
CA TYR A 310 -5.80 -12.64 20.58
C TYR A 310 -6.45 -13.99 20.88
N LEU A 311 -6.30 -14.45 22.12
CA LEU A 311 -6.88 -15.73 22.52
C LEU A 311 -8.40 -15.63 22.57
N ILE A 312 -8.90 -14.53 23.14
CA ILE A 312 -10.34 -14.30 23.25
C ILE A 312 -10.96 -14.21 21.87
N ALA A 313 -10.30 -13.50 20.97
CA ALA A 313 -10.79 -13.35 19.61
C ALA A 313 -10.77 -14.71 18.91
N PHE A 314 -9.75 -15.51 19.19
CA PHE A 314 -9.67 -16.83 18.56
C PHE A 314 -10.85 -17.68 19.01
N LEU A 315 -11.23 -17.57 20.29
CA LEU A 315 -12.35 -18.33 20.83
C LEU A 315 -13.64 -17.95 20.09
N VAL A 316 -13.82 -16.65 19.84
CA VAL A 316 -15.00 -16.18 19.13
C VAL A 316 -15.00 -16.77 17.72
N ASP A 317 -13.83 -16.81 17.08
CA ASP A 317 -13.71 -17.35 15.73
C ASP A 317 -14.11 -18.83 15.73
N ILE A 318 -13.74 -19.55 16.78
CA ILE A 318 -14.09 -20.96 16.90
C ILE A 318 -15.61 -21.11 17.06
N TYR A 319 -16.18 -20.35 17.99
CA TYR A 319 -17.61 -20.39 18.23
C TYR A 319 -18.37 -20.04 16.95
N GLU A 320 -17.86 -19.08 16.20
CA GLU A 320 -18.48 -18.65 14.95
C GLU A 320 -18.61 -19.85 14.01
N ASP A 321 -17.52 -20.56 13.82
CA ASP A 321 -17.50 -21.72 12.94
C ASP A 321 -18.35 -22.85 13.49
N MET A 322 -18.35 -23.03 14.81
CA MET A 322 -19.15 -24.08 15.44
C MET A 322 -20.63 -23.87 15.12
N LEU A 323 -21.10 -22.64 15.32
CA LEU A 323 -22.49 -22.29 15.06
C LEU A 323 -22.84 -22.46 13.59
N GLU A 324 -21.84 -22.30 12.74
CA GLU A 324 -22.03 -22.42 11.30
C GLU A 324 -22.18 -23.88 10.89
N ASN A 325 -21.77 -24.78 11.77
CA ASN A 325 -21.82 -26.21 11.48
C ASN A 325 -22.78 -27.04 12.34
N GLN A 326 -23.91 -26.45 12.72
CA GLN A 326 -24.91 -27.16 13.50
C GLN A 326 -24.31 -27.89 14.71
N CYS A 327 -23.64 -27.14 15.58
CA CYS A 327 -23.03 -27.73 16.76
C CYS A 327 -24.08 -28.01 17.83
N ASP A 328 -23.73 -28.85 18.79
CA ASP A 328 -24.64 -29.17 19.89
C ASP A 328 -24.63 -27.97 20.83
N ASN A 329 -25.66 -27.84 21.65
CA ASN A 329 -25.75 -26.73 22.59
C ASN A 329 -25.59 -25.39 21.87
N LYS A 330 -26.33 -25.23 20.78
CA LYS A 330 -26.29 -24.01 19.99
C LYS A 330 -26.47 -22.77 20.85
N GLU A 331 -27.52 -22.76 21.67
CA GLU A 331 -27.81 -21.63 22.54
C GLU A 331 -26.66 -21.27 23.45
N ASP A 332 -26.04 -22.28 24.06
CA ASP A 332 -24.92 -22.07 24.97
C ASP A 332 -23.73 -21.45 24.24
N ILE A 333 -23.43 -21.97 23.06
CA ILE A 333 -22.30 -21.49 22.28
C ILE A 333 -22.53 -20.04 21.85
N LEU A 334 -23.76 -19.74 21.42
CA LEU A 334 -24.09 -18.39 20.99
C LEU A 334 -23.94 -17.41 22.15
N ASN A 335 -24.41 -17.80 23.33
CA ASN A 335 -24.32 -16.94 24.50
C ASN A 335 -22.86 -16.67 24.85
N LYS A 336 -22.03 -17.72 24.82
CA LYS A 336 -20.60 -17.58 25.11
C LYS A 336 -19.96 -16.61 24.12
N ALA A 337 -20.27 -16.81 22.84
CA ALA A 337 -19.71 -15.96 21.79
C ALA A 337 -20.11 -14.50 21.97
N LEU A 338 -21.39 -14.26 22.28
CA LEU A 338 -21.85 -12.90 22.46
C LEU A 338 -21.20 -12.24 23.68
N GLU A 339 -21.03 -13.01 24.76
CA GLU A 339 -20.39 -12.46 25.95
C GLU A 339 -18.96 -12.03 25.63
N LEU A 340 -18.27 -12.86 24.85
CA LEU A 340 -16.88 -12.55 24.48
C LEU A 340 -16.82 -11.33 23.56
N CYS A 341 -17.76 -11.21 22.64
CA CYS A 341 -17.80 -10.05 21.74
C CYS A 341 -17.95 -8.77 22.57
N GLU A 342 -18.79 -8.82 23.59
CA GLU A 342 -19.01 -7.67 24.47
C GLU A 342 -17.73 -7.35 25.24
N ILE A 343 -17.08 -8.39 25.76
CA ILE A 343 -15.84 -8.21 26.51
C ILE A 343 -14.77 -7.57 25.64
N LEU A 344 -14.69 -8.04 24.39
CA LEU A 344 -13.71 -7.49 23.46
C LEU A 344 -14.02 -6.05 23.10
N ALA A 345 -15.29 -5.76 22.81
CA ALA A 345 -15.71 -4.42 22.43
C ALA A 345 -15.62 -3.39 23.54
N LYS A 346 -15.89 -3.83 24.77
CA LYS A 346 -15.89 -2.94 25.92
C LYS A 346 -14.60 -2.85 26.73
N GLU A 347 -13.83 -3.93 26.76
CA GLU A 347 -12.63 -3.92 27.57
C GLU A 347 -11.30 -4.38 26.97
N LYS A 348 -11.31 -5.58 26.38
CA LYS A 348 -10.06 -6.14 25.86
C LYS A 348 -9.59 -5.79 24.45
N ASP A 349 -10.47 -5.27 23.61
CA ASP A 349 -10.07 -4.91 22.25
C ASP A 349 -10.94 -3.78 21.76
N THR A 350 -11.03 -2.72 22.58
CA THR A 350 -11.87 -1.58 22.29
C THR A 350 -11.59 -0.86 20.98
N ILE A 351 -10.35 -0.91 20.48
CA ILE A 351 -10.05 -0.23 19.23
C ILE A 351 -10.92 -0.84 18.12
N ARG A 352 -11.30 -2.10 18.29
CA ARG A 352 -12.13 -2.79 17.31
C ARG A 352 -13.58 -2.97 17.76
N LYS A 353 -14.05 -2.06 18.61
CA LYS A 353 -15.41 -2.12 19.12
C LYS A 353 -16.47 -2.24 18.02
N GLU A 354 -16.34 -1.47 16.95
CA GLU A 354 -17.31 -1.53 15.86
C GLU A 354 -17.32 -2.91 15.20
N TYR A 355 -16.14 -3.48 15.02
CA TYR A 355 -16.04 -4.80 14.42
C TYR A 355 -16.69 -5.85 15.33
N TRP A 356 -16.37 -5.81 16.63
CA TRP A 356 -16.94 -6.78 17.55
C TRP A 356 -18.44 -6.65 17.72
N ARG A 357 -18.96 -5.42 17.63
CA ARG A 357 -20.41 -5.20 17.74
C ARG A 357 -21.04 -5.81 16.50
N TYR A 358 -20.39 -5.64 15.35
CA TYR A 358 -20.88 -6.19 14.10
C TYR A 358 -20.93 -7.71 14.18
N ILE A 359 -19.87 -8.32 14.72
CA ILE A 359 -19.83 -9.77 14.86
C ILE A 359 -20.97 -10.23 15.76
N GLY A 360 -21.21 -9.49 16.84
CA GLY A 360 -22.28 -9.84 17.75
C GLY A 360 -23.62 -9.85 17.04
N ARG A 361 -23.88 -8.81 16.24
CA ARG A 361 -25.12 -8.72 15.48
C ARG A 361 -25.19 -9.80 14.40
N SER A 362 -24.07 -10.07 13.73
CA SER A 362 -24.04 -11.09 12.68
C SER A 362 -24.42 -12.45 13.25
N LEU A 363 -23.83 -12.78 14.39
CA LEU A 363 -24.10 -14.04 15.07
C LEU A 363 -25.59 -14.20 15.38
N GLN A 364 -26.23 -13.12 15.82
CA GLN A 364 -27.65 -13.15 16.16
C GLN A 364 -28.54 -13.25 14.93
N SER A 365 -28.09 -12.67 13.82
CA SER A 365 -28.88 -12.72 12.58
C SER A 365 -28.80 -14.11 11.97
N LYS A 366 -27.72 -14.82 12.25
CA LYS A 366 -27.52 -16.16 11.71
C LYS A 366 -27.94 -17.32 12.60
N HIS A 367 -27.87 -17.14 13.92
CA HIS A 367 -28.21 -18.24 14.82
C HIS A 367 -29.15 -17.91 15.97
N PRO B 17 -18.62 21.26 28.41
CA PRO B 17 -18.40 22.57 27.74
C PRO B 17 -17.89 22.38 26.31
N VAL B 18 -18.27 23.29 25.42
CA VAL B 18 -17.86 23.20 24.01
C VAL B 18 -16.37 23.40 23.79
N TRP B 19 -15.69 24.01 24.75
CA TRP B 19 -14.26 24.26 24.63
C TRP B 19 -13.36 23.12 25.13
N SER B 20 -13.96 22.01 25.51
CA SER B 20 -13.19 20.86 25.97
C SER B 20 -13.81 19.62 25.37
N GLU B 21 -12.99 18.77 24.78
CA GLU B 21 -13.50 17.55 24.17
C GLU B 21 -12.63 16.36 24.56
N PRO B 22 -13.16 15.47 25.41
CA PRO B 22 -12.42 14.29 25.86
C PRO B 22 -11.94 13.44 24.70
N LEU B 23 -10.73 12.90 24.81
CA LEU B 23 -10.18 12.08 23.76
C LEU B 23 -9.97 10.63 24.19
N TYR B 24 -10.22 9.72 23.25
CA TYR B 24 -10.08 8.29 23.46
C TYR B 24 -8.65 7.96 23.87
N SER B 25 -7.69 8.56 23.16
CA SER B 25 -6.28 8.32 23.42
C SER B 25 -5.79 8.85 24.76
N LEU B 26 -6.58 9.74 25.37
CA LEU B 26 -6.21 10.33 26.65
C LEU B 26 -6.90 9.71 27.86
N ARG B 27 -7.77 8.72 27.62
CA ARG B 27 -8.46 8.06 28.72
C ARG B 27 -7.41 7.35 29.57
N PRO B 28 -7.65 7.25 30.88
CA PRO B 28 -6.68 6.57 31.75
C PRO B 28 -6.47 5.10 31.36
N GLU B 29 -7.52 4.43 30.94
CA GLU B 29 -7.42 3.02 30.57
C GLU B 29 -6.59 2.83 29.30
N HIS B 30 -6.38 3.90 28.54
CA HIS B 30 -5.63 3.78 27.30
C HIS B 30 -4.19 3.32 27.55
N ALA B 31 -3.66 3.61 28.73
CA ALA B 31 -2.30 3.20 29.06
C ALA B 31 -2.15 1.69 29.05
N ARG B 32 -3.26 0.98 29.24
CA ARG B 32 -3.21 -0.48 29.23
C ARG B 32 -3.05 -1.04 27.82
N GLU B 33 -3.16 -0.17 26.83
CA GLU B 33 -3.02 -0.60 25.44
C GLU B 33 -1.56 -0.61 24.99
N ARG B 34 -0.65 -0.24 25.89
CA ARG B 34 0.77 -0.22 25.55
C ARG B 34 1.23 -1.65 25.28
N LEU B 35 2.24 -1.78 24.43
CA LEU B 35 2.77 -3.07 24.06
C LEU B 35 3.20 -3.95 25.25
N GLN B 36 2.85 -5.23 25.16
CA GLN B 36 3.23 -6.20 26.17
C GLN B 36 4.18 -7.12 25.41
N ASP B 37 5.48 -6.97 25.64
CA ASP B 37 6.46 -7.79 24.93
C ASP B 37 6.74 -9.15 25.57
N ASP B 38 5.97 -9.50 26.59
CA ASP B 38 6.15 -10.78 27.29
C ASP B 38 7.57 -10.99 27.78
N SER B 39 8.31 -9.91 27.95
CA SER B 39 9.69 -9.97 28.41
C SER B 39 10.59 -10.68 27.40
N VAL B 40 10.19 -10.68 26.14
CA VAL B 40 10.98 -11.29 25.07
C VAL B 40 11.18 -10.20 24.03
N GLU B 41 12.38 -9.61 24.01
CA GLU B 41 12.67 -8.54 23.08
C GLU B 41 13.25 -9.02 21.76
N THR B 42 12.75 -8.44 20.67
CA THR B 42 13.25 -8.73 19.33
C THR B 42 13.23 -7.38 18.65
N VAL B 43 13.89 -7.26 17.51
CA VAL B 43 13.93 -5.99 16.79
C VAL B 43 12.53 -5.42 16.64
N THR B 44 11.55 -6.28 16.36
CA THR B 44 10.17 -5.84 16.20
C THR B 44 9.58 -5.14 17.43
N SER B 45 9.66 -5.77 18.59
CA SER B 45 9.10 -5.18 19.81
C SER B 45 9.84 -3.92 20.24
N ILE B 46 11.16 -3.91 20.04
CA ILE B 46 11.96 -2.75 20.40
C ILE B 46 11.55 -1.52 19.58
N GLU B 47 11.36 -1.70 18.29
CA GLU B 47 10.98 -0.58 17.43
C GLU B 47 9.56 -0.12 17.75
N GLN B 48 8.67 -1.07 17.99
CA GLN B 48 7.28 -0.76 18.32
C GLN B 48 7.22 0.05 19.61
N ALA B 49 7.99 -0.39 20.61
CA ALA B 49 8.01 0.30 21.90
C ALA B 49 8.55 1.72 21.78
N LYS B 50 9.52 1.92 20.90
CA LYS B 50 10.09 3.26 20.70
C LYS B 50 9.05 4.20 20.13
N VAL B 51 8.27 3.72 19.16
CA VAL B 51 7.24 4.53 18.56
C VAL B 51 6.18 4.88 19.61
N GLU B 52 5.76 3.88 20.38
CA GLU B 52 4.75 4.11 21.41
C GLU B 52 5.18 5.13 22.45
N GLU B 53 6.44 5.08 22.87
CA GLU B 53 6.93 6.03 23.87
C GLU B 53 6.82 7.46 23.34
N LYS B 54 7.21 7.66 22.08
CA LYS B 54 7.13 8.98 21.47
C LYS B 54 5.67 9.42 21.33
N ILE B 55 4.81 8.50 20.90
CA ILE B 55 3.41 8.83 20.73
C ILE B 55 2.73 9.21 22.05
N GLN B 56 3.11 8.54 23.14
CA GLN B 56 2.53 8.85 24.44
C GLN B 56 2.88 10.29 24.83
N GLU B 57 4.13 10.68 24.58
CA GLU B 57 4.58 12.03 24.89
C GLU B 57 3.74 13.03 24.11
N VAL B 58 3.50 12.75 22.83
CA VAL B 58 2.69 13.63 22.01
C VAL B 58 1.27 13.71 22.55
N PHE B 59 0.66 12.55 22.80
CA PHE B 59 -0.70 12.50 23.34
C PHE B 59 -0.81 13.38 24.59
N SER B 60 0.13 13.18 25.51
CA SER B 60 0.13 13.94 26.76
C SER B 60 0.23 15.46 26.57
N SER B 61 0.85 15.89 25.48
CA SER B 61 1.00 17.32 25.23
C SER B 61 -0.32 18.00 24.88
N TYR B 62 -1.36 17.21 24.62
CA TYR B 62 -2.67 17.77 24.28
C TYR B 62 -3.64 17.71 25.44
N LYS B 63 -3.17 17.24 26.58
CA LYS B 63 -3.99 17.12 27.79
C LYS B 63 -3.46 18.01 28.90
N PHE B 64 -4.36 18.74 29.55
CA PHE B 64 -3.99 19.62 30.65
C PHE B 64 -4.95 19.25 31.77
N ASN B 65 -4.70 18.08 32.35
CA ASN B 65 -5.54 17.52 33.39
C ASN B 65 -6.96 17.39 32.81
N HIS B 66 -7.95 18.02 33.42
CA HIS B 66 -9.31 17.88 32.91
C HIS B 66 -9.62 18.79 31.71
N LEU B 67 -8.69 19.67 31.37
CA LEU B 67 -8.87 20.56 30.22
C LEU B 67 -8.28 19.88 28.99
N VAL B 68 -9.11 19.64 27.99
CA VAL B 68 -8.64 19.01 26.75
C VAL B 68 -9.15 19.83 25.56
N PRO B 69 -8.37 20.84 25.14
CA PRO B 69 -8.75 21.71 24.01
C PRO B 69 -9.06 20.93 22.74
N ARG B 70 -10.03 21.42 21.97
CA ARG B 70 -10.40 20.76 20.73
C ARG B 70 -9.21 20.71 19.77
N LEU B 71 -9.08 19.60 19.06
CA LEU B 71 -7.98 19.43 18.12
C LEU B 71 -8.22 20.28 16.88
N VAL B 72 -7.15 20.80 16.30
CA VAL B 72 -7.25 21.65 15.12
C VAL B 72 -6.42 21.18 13.92
N LEU B 73 -7.08 21.10 12.76
CA LEU B 73 -6.38 20.73 11.52
C LEU B 73 -5.84 22.08 11.05
N GLN B 74 -4.52 22.18 10.89
CA GLN B 74 -3.91 23.44 10.46
C GLN B 74 -4.05 23.69 8.96
N ARG B 75 -5.31 23.88 8.54
CA ARG B 75 -5.67 24.13 7.16
C ARG B 75 -4.80 25.13 6.40
N GLU B 76 -4.72 26.34 6.92
CA GLU B 76 -3.93 27.37 6.25
C GLU B 76 -2.47 27.03 6.04
N LYS B 77 -1.85 26.37 7.01
CA LYS B 77 -0.45 25.98 6.87
C LYS B 77 -0.35 24.93 5.76
N HIS B 78 -1.25 23.95 5.77
CA HIS B 78 -1.23 22.90 4.76
C HIS B 78 -1.45 23.51 3.38
N PHE B 79 -2.40 24.44 3.29
CA PHE B 79 -2.72 25.09 2.04
C PHE B 79 -1.51 25.79 1.41
N HIS B 80 -0.79 26.58 2.20
CA HIS B 80 0.37 27.30 1.69
C HIS B 80 1.50 26.36 1.24
N TYR B 81 1.66 25.25 1.96
CA TYR B 81 2.66 24.25 1.62
C TYR B 81 2.30 23.62 0.27
N LEU B 82 1.02 23.26 0.12
CA LEU B 82 0.52 22.66 -1.11
C LEU B 82 0.58 23.62 -2.30
N LYS B 83 0.12 24.85 -2.07
CA LYS B 83 0.12 25.88 -3.11
C LYS B 83 1.51 26.07 -3.68
N ARG B 84 2.51 26.10 -2.80
CA ARG B 84 3.89 26.28 -3.20
C ARG B 84 4.42 25.09 -4.02
N GLY B 85 4.13 23.89 -3.54
CA GLY B 85 4.59 22.69 -4.23
C GLY B 85 4.05 22.48 -5.63
N LEU B 86 2.85 23.01 -5.87
CA LEU B 86 2.21 22.86 -7.18
C LEU B 86 2.95 23.58 -8.29
N ARG B 87 3.78 24.57 -7.93
CA ARG B 87 4.53 25.30 -8.94
C ARG B 87 5.98 24.87 -9.02
N GLN B 88 6.70 24.93 -7.91
CA GLN B 88 8.11 24.56 -7.92
C GLN B 88 8.57 23.71 -6.74
N LEU B 89 9.70 23.04 -6.94
CA LEU B 89 10.28 22.16 -5.92
C LEU B 89 11.80 22.22 -5.98
N THR B 90 12.44 21.99 -4.84
CA THR B 90 13.90 22.00 -4.78
C THR B 90 14.43 20.71 -5.38
N ASP B 91 15.74 20.63 -5.60
CA ASP B 91 16.33 19.43 -6.17
C ASP B 91 16.16 18.23 -5.25
N ALA B 92 15.60 18.47 -4.07
CA ALA B 92 15.36 17.38 -3.14
C ALA B 92 14.32 16.45 -3.75
N TYR B 93 13.59 16.96 -4.75
CA TYR B 93 12.58 16.15 -5.41
C TYR B 93 13.06 15.52 -6.70
N GLU B 94 14.37 15.47 -6.90
CA GLU B 94 14.91 14.85 -8.10
C GLU B 94 14.55 13.36 -8.06
N CYS B 95 14.37 12.83 -6.86
CA CYS B 95 14.03 11.41 -6.70
C CYS B 95 12.62 11.10 -7.18
N LEU B 96 11.84 12.15 -7.45
CA LEU B 96 10.47 11.99 -7.94
C LEU B 96 10.33 12.52 -9.37
N ASP B 97 11.46 12.67 -10.05
CA ASP B 97 11.45 13.18 -11.41
C ASP B 97 10.71 12.25 -12.38
N ALA B 98 10.46 11.01 -11.94
CA ALA B 98 9.76 10.04 -12.76
C ALA B 98 8.35 9.78 -12.20
N SER B 99 7.88 10.72 -11.37
CA SER B 99 6.56 10.60 -10.75
C SER B 99 5.89 11.97 -10.62
N ARG B 100 6.15 12.87 -11.57
CA ARG B 100 5.56 14.20 -11.47
C ARG B 100 4.03 14.22 -11.52
N PRO B 101 3.41 13.31 -12.29
CA PRO B 101 1.94 13.36 -12.29
C PRO B 101 1.42 13.03 -10.88
N TRP B 102 2.20 12.27 -10.12
CA TRP B 102 1.83 11.91 -8.76
C TRP B 102 1.82 13.18 -7.90
N LEU B 103 2.82 14.03 -8.08
CA LEU B 103 2.89 15.28 -7.33
C LEU B 103 1.65 16.12 -7.63
N CYS B 104 1.25 16.15 -8.90
CA CYS B 104 0.07 16.91 -9.31
C CYS B 104 -1.16 16.37 -8.61
N TYR B 105 -1.32 15.05 -8.64
CA TYR B 105 -2.46 14.38 -8.02
C TYR B 105 -2.49 14.58 -6.50
N TRP B 106 -1.39 14.26 -5.82
CA TRP B 106 -1.34 14.40 -4.36
C TRP B 106 -1.69 15.82 -3.92
N ILE B 107 -1.13 16.80 -4.62
CA ILE B 107 -1.38 18.20 -4.26
C ILE B 107 -2.81 18.64 -4.58
N LEU B 108 -3.29 18.33 -5.78
CA LEU B 108 -4.64 18.71 -6.18
C LEU B 108 -5.71 18.04 -5.31
N HIS B 109 -5.48 16.78 -4.95
CA HIS B 109 -6.44 16.07 -4.13
C HIS B 109 -6.45 16.60 -2.71
N SER B 110 -5.28 17.00 -2.22
CA SER B 110 -5.18 17.55 -0.87
C SER B 110 -5.95 18.88 -0.84
N LEU B 111 -5.74 19.70 -1.86
CA LEU B 111 -6.41 21.00 -1.95
C LEU B 111 -7.92 20.79 -2.07
N GLU B 112 -8.29 19.79 -2.85
CA GLU B 112 -9.70 19.44 -3.04
C GLU B 112 -10.31 19.04 -1.69
N LEU B 113 -9.59 18.22 -0.93
CA LEU B 113 -10.10 17.78 0.37
C LEU B 113 -10.26 18.97 1.33
N LEU B 114 -9.33 19.91 1.24
CA LEU B 114 -9.33 21.10 2.08
C LEU B 114 -10.30 22.16 1.54
N ASP B 115 -11.01 21.81 0.47
CA ASP B 115 -11.96 22.73 -0.14
C ASP B 115 -11.29 24.05 -0.53
N GLU B 116 -10.07 23.96 -1.06
CA GLU B 116 -9.33 25.14 -1.50
C GLU B 116 -9.49 25.21 -3.02
N PRO B 117 -10.05 26.30 -3.52
CA PRO B 117 -10.24 26.43 -4.97
C PRO B 117 -8.94 26.41 -5.77
N ILE B 118 -9.02 25.87 -6.98
CA ILE B 118 -7.88 25.80 -7.87
C ILE B 118 -8.08 26.88 -8.94
N PRO B 119 -7.22 27.90 -8.95
CA PRO B 119 -7.31 28.99 -9.92
C PRO B 119 -7.37 28.44 -11.34
N GLN B 120 -8.15 29.08 -12.20
CA GLN B 120 -8.30 28.65 -13.58
C GLN B 120 -6.94 28.53 -14.29
N ILE B 121 -6.06 29.50 -14.04
CA ILE B 121 -4.74 29.51 -14.66
C ILE B 121 -3.92 28.31 -14.23
N VAL B 122 -3.93 28.01 -12.94
CA VAL B 122 -3.20 26.87 -12.40
C VAL B 122 -3.77 25.59 -13.01
N ALA B 123 -5.09 25.53 -13.10
CA ALA B 123 -5.78 24.37 -13.66
C ALA B 123 -5.35 24.11 -15.10
N THR B 124 -5.34 25.16 -15.92
CA THR B 124 -4.94 25.00 -17.31
C THR B 124 -3.47 24.64 -17.43
N ASP B 125 -2.64 25.17 -16.55
CA ASP B 125 -1.22 24.86 -16.58
C ASP B 125 -0.99 23.38 -16.25
N VAL B 126 -1.73 22.87 -15.27
CA VAL B 126 -1.60 21.46 -14.90
C VAL B 126 -2.01 20.61 -16.11
N CYS B 127 -3.12 20.99 -16.74
CA CYS B 127 -3.59 20.28 -17.93
C CYS B 127 -2.51 20.22 -19.01
N GLN B 128 -1.91 21.36 -19.32
CA GLN B 128 -0.87 21.43 -20.34
C GLN B 128 0.32 20.55 -19.99
N PHE B 129 0.70 20.56 -18.71
CA PHE B 129 1.82 19.75 -18.27
C PHE B 129 1.54 18.25 -18.39
N LEU B 130 0.35 17.83 -17.98
CA LEU B 130 0.00 16.42 -18.07
C LEU B 130 -0.11 15.99 -19.54
N GLU B 131 -0.49 16.92 -20.40
CA GLU B 131 -0.57 16.61 -21.82
C GLU B 131 0.84 16.31 -22.31
N LEU B 132 1.82 17.03 -21.78
CA LEU B 132 3.21 16.83 -22.16
C LEU B 132 3.75 15.49 -21.65
N CYS B 133 3.12 14.99 -20.58
CA CYS B 133 3.53 13.70 -20.00
C CYS B 133 2.88 12.52 -20.71
N GLN B 134 1.84 12.80 -21.49
CA GLN B 134 1.13 11.74 -22.19
C GLN B 134 1.95 11.20 -23.35
N SER B 135 2.06 9.88 -23.42
CA SER B 135 2.82 9.20 -24.45
C SER B 135 2.02 8.96 -25.72
N PRO B 136 2.68 9.05 -26.89
CA PRO B 136 1.97 8.83 -28.15
C PRO B 136 1.44 7.39 -28.24
N GLU B 137 2.01 6.48 -27.46
CA GLU B 137 1.56 5.10 -27.47
C GLU B 137 0.39 4.91 -26.49
N GLY B 138 0.03 5.97 -25.80
CA GLY B 138 -1.06 5.91 -24.85
C GLY B 138 -0.53 5.90 -23.43
N GLY B 139 -1.34 6.37 -22.48
CA GLY B 139 -0.91 6.40 -21.09
C GLY B 139 -0.03 7.61 -20.81
N PHE B 140 0.34 7.79 -19.54
CA PHE B 140 1.19 8.91 -19.15
C PHE B 140 2.49 8.41 -18.53
N GLY B 141 3.55 9.19 -18.70
CA GLY B 141 4.84 8.84 -18.12
C GLY B 141 5.10 9.73 -16.92
N GLY B 142 6.22 9.51 -16.23
CA GLY B 142 6.54 10.30 -15.05
C GLY B 142 6.94 11.73 -15.32
N GLY B 143 7.15 12.06 -16.59
CA GLY B 143 7.53 13.41 -16.98
C GLY B 143 7.54 13.48 -18.50
N PRO B 144 7.73 14.67 -19.09
CA PRO B 144 7.75 14.79 -20.55
C PRO B 144 8.80 13.91 -21.21
N GLY B 145 8.39 13.15 -22.22
CA GLY B 145 9.32 12.29 -22.93
C GLY B 145 9.59 10.93 -22.32
N GLN B 146 9.08 10.70 -21.11
CA GLN B 146 9.28 9.42 -20.44
C GLN B 146 8.28 8.40 -20.98
N TYR B 147 8.63 7.13 -20.90
CA TYR B 147 7.74 6.06 -21.34
C TYR B 147 6.51 6.04 -20.43
N PRO B 148 5.36 5.57 -20.95
CA PRO B 148 4.17 5.52 -20.11
C PRO B 148 4.34 4.45 -19.02
N HIS B 149 3.65 4.64 -17.91
CA HIS B 149 3.72 3.72 -16.78
C HIS B 149 2.35 3.82 -16.11
N LEU B 150 1.81 2.68 -15.67
CA LEU B 150 0.48 2.69 -15.06
C LEU B 150 0.35 3.54 -13.80
N ALA B 151 1.42 3.68 -13.03
CA ALA B 151 1.34 4.47 -11.80
C ALA B 151 1.08 5.95 -12.12
N PRO B 152 1.96 6.59 -12.91
CA PRO B 152 1.71 7.99 -13.23
C PRO B 152 0.45 8.17 -14.11
N THR B 153 0.07 7.12 -14.83
CA THR B 153 -1.11 7.17 -15.68
C THR B 153 -2.33 7.30 -14.76
N TYR B 154 -2.35 6.48 -13.71
CA TYR B 154 -3.42 6.51 -12.73
C TYR B 154 -3.50 7.91 -12.10
N ALA B 155 -2.34 8.44 -11.71
CA ALA B 155 -2.25 9.74 -11.08
C ALA B 155 -2.68 10.87 -12.01
N ALA B 156 -2.24 10.81 -13.27
CA ALA B 156 -2.58 11.84 -14.25
C ALA B 156 -4.08 11.89 -14.49
N VAL B 157 -4.70 10.72 -14.66
CA VAL B 157 -6.13 10.65 -14.89
C VAL B 157 -6.91 11.18 -13.69
N ASN B 158 -6.48 10.83 -12.48
CA ASN B 158 -7.14 11.31 -11.27
C ASN B 158 -7.01 12.83 -11.16
N ALA B 159 -5.83 13.36 -11.47
CA ALA B 159 -5.59 14.80 -11.42
C ALA B 159 -6.49 15.54 -12.39
N LEU B 160 -6.57 15.02 -13.61
CA LEU B 160 -7.41 15.63 -14.64
C LEU B 160 -8.88 15.61 -14.23
N CYS B 161 -9.31 14.54 -13.56
CA CYS B 161 -10.69 14.44 -13.12
C CYS B 161 -10.97 15.38 -11.95
N ILE B 162 -9.97 15.66 -11.14
CA ILE B 162 -10.15 16.58 -10.02
C ILE B 162 -10.39 17.98 -10.59
N ILE B 163 -9.65 18.34 -11.64
CA ILE B 163 -9.82 19.63 -12.29
C ILE B 163 -11.24 19.63 -12.86
N GLY B 164 -11.60 18.52 -13.50
CA GLY B 164 -12.94 18.33 -14.03
C GLY B 164 -13.51 19.21 -15.13
N THR B 165 -12.66 19.86 -15.90
CA THR B 165 -13.15 20.71 -16.98
C THR B 165 -13.09 19.89 -18.27
N GLU B 166 -13.85 20.30 -19.28
CA GLU B 166 -13.83 19.59 -20.54
C GLU B 166 -12.41 19.62 -21.08
N GLU B 167 -11.70 20.72 -20.82
CA GLU B 167 -10.33 20.85 -21.26
C GLU B 167 -9.50 19.73 -20.66
N ALA B 168 -9.66 19.49 -19.37
CA ALA B 168 -8.93 18.43 -18.67
C ALA B 168 -9.31 17.05 -19.21
N TYR B 169 -10.61 16.79 -19.31
CA TYR B 169 -11.10 15.50 -19.79
C TYR B 169 -10.58 15.16 -21.19
N ASP B 170 -10.64 16.14 -22.10
CA ASP B 170 -10.21 15.92 -23.48
C ASP B 170 -8.71 15.76 -23.73
N ILE B 171 -7.90 16.01 -22.72
CA ILE B 171 -6.46 15.83 -22.86
C ILE B 171 -6.18 14.33 -23.05
N ILE B 172 -6.95 13.51 -22.36
CA ILE B 172 -6.77 12.06 -22.42
C ILE B 172 -7.04 11.46 -23.80
N ASN B 173 -6.03 10.80 -24.35
CA ASN B 173 -6.19 10.14 -25.64
C ASN B 173 -6.73 8.77 -25.29
N ARG B 174 -8.05 8.63 -25.31
CA ARG B 174 -8.70 7.38 -24.95
C ARG B 174 -8.40 6.19 -25.85
N GLU B 175 -8.32 6.43 -27.16
CA GLU B 175 -8.03 5.35 -28.09
C GLU B 175 -6.68 4.71 -27.74
N LYS B 176 -5.65 5.54 -27.59
CA LYS B 176 -4.32 5.04 -27.27
C LYS B 176 -4.22 4.48 -25.86
N LEU B 177 -4.99 5.04 -24.93
CA LEU B 177 -4.96 4.54 -23.55
C LEU B 177 -5.43 3.09 -23.50
N LEU B 178 -6.51 2.78 -24.21
CA LEU B 178 -7.03 1.41 -24.22
C LEU B 178 -6.03 0.48 -24.87
N GLN B 179 -5.43 0.92 -25.98
CA GLN B 179 -4.44 0.10 -26.67
C GLN B 179 -3.26 -0.17 -25.73
N TYR B 180 -2.86 0.86 -24.99
CA TYR B 180 -1.76 0.74 -24.04
C TYR B 180 -2.09 -0.30 -22.98
N LEU B 181 -3.29 -0.24 -22.41
CA LEU B 181 -3.67 -1.21 -21.40
C LEU B 181 -3.58 -2.62 -21.98
N TYR B 182 -4.06 -2.77 -23.22
CA TYR B 182 -4.00 -4.07 -23.89
C TYR B 182 -2.54 -4.53 -23.98
N SER B 183 -1.65 -3.60 -24.26
CA SER B 183 -0.22 -3.92 -24.40
C SER B 183 0.43 -4.36 -23.09
N LEU B 184 -0.27 -4.20 -21.97
CA LEU B 184 0.28 -4.59 -20.67
C LEU B 184 -0.44 -5.80 -20.08
N LYS B 185 -1.56 -6.21 -20.68
CA LYS B 185 -2.36 -7.33 -20.18
C LYS B 185 -1.71 -8.69 -20.40
N GLN B 186 -1.59 -9.44 -19.31
CA GLN B 186 -1.00 -10.78 -19.32
C GLN B 186 -2.09 -11.84 -19.42
N PRO B 187 -1.77 -13.01 -19.97
CA PRO B 187 -2.75 -14.09 -20.10
C PRO B 187 -3.33 -14.62 -18.78
N ASP B 188 -2.59 -14.48 -17.68
CA ASP B 188 -3.08 -14.96 -16.39
C ASP B 188 -3.99 -13.95 -15.68
N GLY B 189 -4.30 -12.84 -16.37
CA GLY B 189 -5.17 -11.83 -15.80
C GLY B 189 -4.48 -10.62 -15.20
N SER B 190 -3.17 -10.73 -14.96
CA SER B 190 -2.42 -9.61 -14.39
C SER B 190 -2.00 -8.59 -15.45
N PHE B 191 -1.45 -7.48 -14.99
CA PHE B 191 -0.96 -6.42 -15.88
C PHE B 191 0.47 -6.05 -15.51
N LEU B 192 1.27 -5.68 -16.51
CA LEU B 192 2.63 -5.22 -16.27
C LEU B 192 2.44 -3.76 -15.83
N MET B 193 3.35 -3.22 -15.03
CA MET B 193 3.24 -1.81 -14.62
C MET B 193 3.59 -0.92 -15.81
N HIS B 194 4.42 -1.45 -16.70
CA HIS B 194 4.83 -0.74 -17.91
C HIS B 194 5.50 -1.76 -18.82
N VAL B 195 5.73 -1.39 -20.08
CA VAL B 195 6.35 -2.30 -21.03
C VAL B 195 7.68 -2.81 -20.48
N GLY B 196 7.83 -4.13 -20.44
CA GLY B 196 9.05 -4.73 -19.92
C GLY B 196 9.19 -4.48 -18.43
N GLY B 197 8.07 -4.17 -17.76
CA GLY B 197 8.10 -3.90 -16.34
C GLY B 197 7.60 -5.00 -15.42
N GLU B 198 7.64 -4.73 -14.13
CA GLU B 198 7.21 -5.70 -13.12
C GLU B 198 5.70 -5.82 -12.99
N VAL B 199 5.25 -6.92 -12.41
CA VAL B 199 3.83 -7.14 -12.20
C VAL B 199 3.52 -7.34 -10.72
N ASP B 200 2.45 -6.68 -10.27
CA ASP B 200 1.93 -6.79 -8.91
C ASP B 200 0.53 -6.18 -8.93
N VAL B 201 -0.25 -6.38 -7.87
CA VAL B 201 -1.63 -5.90 -7.83
C VAL B 201 -1.85 -4.42 -8.12
N ARG B 202 -0.82 -3.59 -7.95
CA ARG B 202 -0.99 -2.17 -8.23
C ARG B 202 -1.43 -1.94 -9.68
N SER B 203 -0.89 -2.75 -10.60
CA SER B 203 -1.23 -2.58 -12.01
C SER B 203 -2.72 -2.79 -12.29
N ALA B 204 -3.29 -3.83 -11.70
CA ALA B 204 -4.70 -4.13 -11.91
C ALA B 204 -5.59 -2.96 -11.46
N TYR B 205 -5.24 -2.36 -10.32
CA TYR B 205 -6.00 -1.23 -9.82
C TYR B 205 -5.83 0.01 -10.68
N CYS B 206 -4.58 0.31 -11.05
CA CYS B 206 -4.32 1.47 -11.89
C CYS B 206 -5.10 1.35 -13.20
N ALA B 207 -5.07 0.17 -13.81
CA ALA B 207 -5.77 -0.09 -15.06
C ALA B 207 -7.29 0.03 -14.91
N ALA B 208 -7.83 -0.66 -13.89
CA ALA B 208 -9.27 -0.63 -13.65
C ALA B 208 -9.76 0.78 -13.34
N SER B 209 -8.97 1.52 -12.57
CA SER B 209 -9.34 2.88 -12.21
C SER B 209 -9.46 3.79 -13.43
N VAL B 210 -8.39 3.89 -14.21
CA VAL B 210 -8.43 4.76 -15.39
C VAL B 210 -9.41 4.31 -16.47
N ALA B 211 -9.55 2.99 -16.65
CA ALA B 211 -10.45 2.46 -17.67
C ALA B 211 -11.93 2.70 -17.34
N SER B 212 -12.28 2.56 -16.07
CA SER B 212 -13.66 2.78 -15.65
C SER B 212 -14.00 4.26 -15.69
N LEU B 213 -13.10 5.11 -15.23
CA LEU B 213 -13.35 6.55 -15.25
C LEU B 213 -13.51 7.08 -16.67
N THR B 214 -12.65 6.63 -17.59
CA THR B 214 -12.70 7.10 -18.96
C THR B 214 -13.60 6.29 -19.90
N ASN B 215 -14.32 5.33 -19.33
CA ASN B 215 -15.23 4.49 -20.10
C ASN B 215 -14.57 3.81 -21.31
N ILE B 216 -13.51 3.03 -21.05
CA ILE B 216 -12.84 2.32 -22.13
C ILE B 216 -12.73 0.83 -21.82
N ILE B 217 -13.54 0.36 -20.87
CA ILE B 217 -13.53 -1.04 -20.51
C ILE B 217 -14.22 -1.90 -21.56
N THR B 218 -13.54 -2.95 -22.01
CA THR B 218 -14.11 -3.87 -22.97
C THR B 218 -14.32 -5.16 -22.20
N PRO B 219 -15.17 -6.06 -22.71
CA PRO B 219 -15.43 -7.34 -22.02
C PRO B 219 -14.18 -8.19 -21.77
N ASP B 220 -13.23 -8.15 -22.69
CA ASP B 220 -12.02 -8.96 -22.54
C ASP B 220 -10.84 -8.29 -21.82
N LEU B 221 -10.86 -6.97 -21.70
CA LEU B 221 -9.77 -6.25 -21.03
C LEU B 221 -9.40 -6.83 -19.67
N PHE B 222 -10.40 -7.09 -18.83
CA PHE B 222 -10.13 -7.63 -17.50
C PHE B 222 -10.43 -9.11 -17.33
N GLU B 223 -10.44 -9.84 -18.44
CA GLU B 223 -10.70 -11.28 -18.40
C GLU B 223 -9.60 -11.92 -17.56
N GLY B 224 -10.00 -12.66 -16.53
CA GLY B 224 -9.04 -13.34 -15.67
C GLY B 224 -8.46 -12.48 -14.54
N THR B 225 -8.61 -11.17 -14.63
CA THR B 225 -8.08 -10.27 -13.62
C THR B 225 -8.62 -10.50 -12.21
N ALA B 226 -9.93 -10.62 -12.08
CA ALA B 226 -10.55 -10.86 -10.78
C ALA B 226 -9.98 -12.12 -10.12
N GLU B 227 -9.82 -13.19 -10.91
CA GLU B 227 -9.28 -14.44 -10.38
C GLU B 227 -7.82 -14.28 -9.94
N TRP B 228 -7.05 -13.53 -10.71
CA TRP B 228 -5.65 -13.32 -10.37
C TRP B 228 -5.56 -12.54 -9.06
N ILE B 229 -6.42 -11.54 -8.89
CA ILE B 229 -6.41 -10.75 -7.66
C ILE B 229 -6.74 -11.63 -6.46
N ALA B 230 -7.76 -12.47 -6.61
CA ALA B 230 -8.16 -13.35 -5.52
C ALA B 230 -6.99 -14.26 -5.11
N ARG B 231 -6.17 -14.65 -6.07
CA ARG B 231 -5.01 -15.49 -5.78
C ARG B 231 -4.00 -14.74 -4.91
N CYS B 232 -4.09 -13.41 -4.91
CA CYS B 232 -3.18 -12.59 -4.12
C CYS B 232 -3.60 -12.48 -2.65
N GLN B 233 -4.86 -12.81 -2.35
CA GLN B 233 -5.32 -12.78 -0.96
C GLN B 233 -4.60 -13.98 -0.35
N ASN B 234 -4.05 -13.83 0.84
CA ASN B 234 -3.33 -14.94 1.46
C ASN B 234 -3.94 -15.44 2.77
N TRP B 235 -3.22 -16.32 3.44
CA TRP B 235 -3.66 -16.91 4.70
C TRP B 235 -4.02 -15.89 5.77
N GLU B 236 -3.48 -14.68 5.65
CA GLU B 236 -3.76 -13.62 6.63
C GLU B 236 -5.13 -12.97 6.45
N GLY B 237 -5.66 -13.04 5.22
CA GLY B 237 -6.94 -12.43 4.94
C GLY B 237 -6.75 -11.20 4.06
N GLY B 238 -5.58 -10.58 4.19
CA GLY B 238 -5.25 -9.41 3.40
C GLY B 238 -4.74 -9.85 2.04
N ILE B 239 -4.29 -8.90 1.23
CA ILE B 239 -3.80 -9.18 -0.12
C ILE B 239 -2.34 -8.79 -0.31
N GLY B 240 -1.56 -9.65 -0.97
CA GLY B 240 -0.16 -9.37 -1.21
C GLY B 240 0.09 -8.86 -2.61
N GLY B 241 1.30 -8.39 -2.88
CA GLY B 241 1.64 -7.86 -4.19
C GLY B 241 1.40 -8.82 -5.33
N VAL B 242 1.70 -10.09 -5.08
CA VAL B 242 1.50 -11.17 -6.04
C VAL B 242 1.14 -12.41 -5.23
N PRO B 243 0.63 -13.47 -5.89
CA PRO B 243 0.27 -14.68 -5.16
C PRO B 243 1.42 -15.21 -4.32
N GLY B 244 1.14 -15.53 -3.05
CA GLY B 244 2.14 -16.05 -2.15
C GLY B 244 2.73 -15.03 -1.19
N MET B 245 2.70 -13.75 -1.57
CA MET B 245 3.27 -12.72 -0.73
C MET B 245 2.44 -12.21 0.44
N GLU B 246 3.16 -11.64 1.41
CA GLU B 246 2.59 -11.10 2.63
C GLU B 246 1.53 -10.04 2.39
N ALA B 247 0.47 -10.09 3.19
CA ALA B 247 -0.63 -9.13 3.09
C ALA B 247 -0.15 -7.73 3.46
N HIS B 248 -0.47 -6.76 2.62
CA HIS B 248 -0.09 -5.38 2.89
C HIS B 248 -1.25 -4.45 2.56
N GLY B 249 -1.48 -3.45 3.42
CA GLY B 249 -2.57 -2.51 3.19
C GLY B 249 -2.58 -1.88 1.82
N GLY B 250 -1.38 -1.57 1.32
CA GLY B 250 -1.29 -0.96 0.01
C GLY B 250 -1.82 -1.85 -1.10
N TYR B 251 -1.37 -3.10 -1.13
CA TYR B 251 -1.81 -4.05 -2.15
C TYR B 251 -3.24 -4.51 -1.90
N THR B 252 -3.67 -4.50 -0.64
CA THR B 252 -5.02 -4.90 -0.29
C THR B 252 -6.01 -3.85 -0.78
N PHE B 253 -5.66 -2.58 -0.62
CA PHE B 253 -6.53 -1.52 -1.12
C PHE B 253 -6.63 -1.68 -2.64
N CYS B 254 -5.48 -1.80 -3.29
CA CYS B 254 -5.47 -1.96 -4.76
C CYS B 254 -6.32 -3.13 -5.21
N GLY B 255 -6.16 -4.27 -4.56
CA GLY B 255 -6.91 -5.45 -4.92
C GLY B 255 -8.41 -5.33 -4.76
N LEU B 256 -8.86 -4.89 -3.58
CA LEU B 256 -10.30 -4.77 -3.34
C LEU B 256 -10.93 -3.65 -4.17
N ALA B 257 -10.25 -2.52 -4.29
CA ALA B 257 -10.79 -1.41 -5.06
C ALA B 257 -10.94 -1.83 -6.51
N ALA B 258 -9.98 -2.59 -7.03
CA ALA B 258 -10.06 -3.05 -8.41
C ALA B 258 -11.25 -4.00 -8.58
N LEU B 259 -11.42 -4.91 -7.62
CA LEU B 259 -12.53 -5.86 -7.69
C LEU B 259 -13.88 -5.16 -7.59
N VAL B 260 -13.94 -4.09 -6.80
CA VAL B 260 -15.19 -3.34 -6.66
C VAL B 260 -15.55 -2.75 -8.02
N ILE B 261 -14.53 -2.21 -8.71
CA ILE B 261 -14.75 -1.62 -10.03
C ILE B 261 -15.26 -2.69 -10.99
N LEU B 262 -14.68 -3.89 -10.90
CA LEU B 262 -15.06 -5.00 -11.76
C LEU B 262 -16.31 -5.73 -11.28
N LYS B 263 -16.84 -5.31 -10.12
CA LYS B 263 -18.02 -5.92 -9.54
C LYS B 263 -17.78 -7.40 -9.27
N ARG B 264 -16.58 -7.72 -8.79
CA ARG B 264 -16.21 -9.11 -8.49
C ARG B 264 -15.68 -9.26 -7.05
N GLU B 265 -16.10 -8.39 -6.14
CA GLU B 265 -15.65 -8.46 -4.75
C GLU B 265 -15.84 -9.84 -4.13
N ARG B 266 -16.93 -10.50 -4.50
CA ARG B 266 -17.24 -11.82 -3.97
C ARG B 266 -16.19 -12.88 -4.28
N SER B 267 -15.25 -12.56 -5.15
CA SER B 267 -14.20 -13.52 -5.48
C SER B 267 -13.26 -13.69 -4.29
N LEU B 268 -13.33 -12.76 -3.35
CA LEU B 268 -12.49 -12.80 -2.16
C LEU B 268 -13.25 -13.36 -0.95
N ASN B 269 -12.50 -13.73 0.07
CA ASN B 269 -13.09 -14.18 1.33
C ASN B 269 -13.17 -12.86 2.07
N LEU B 270 -14.34 -12.22 2.02
CA LEU B 270 -14.52 -10.92 2.67
C LEU B 270 -14.43 -10.98 4.18
N LYS B 271 -14.72 -12.14 4.76
CA LYS B 271 -14.67 -12.30 6.20
C LYS B 271 -13.23 -12.23 6.71
N SER B 272 -12.33 -12.98 6.09
CA SER B 272 -10.94 -12.97 6.53
C SER B 272 -10.29 -11.63 6.21
N LEU B 273 -10.75 -10.97 5.15
CA LEU B 273 -10.19 -9.68 4.78
C LEU B 273 -10.61 -8.64 5.82
N LEU B 274 -11.88 -8.67 6.20
CA LEU B 274 -12.40 -7.72 7.19
C LEU B 274 -11.68 -7.87 8.53
N GLN B 275 -11.52 -9.11 8.99
CA GLN B 275 -10.85 -9.34 10.26
C GLN B 275 -9.39 -8.89 10.18
N TRP B 276 -8.75 -9.11 9.03
CA TRP B 276 -7.36 -8.71 8.85
C TRP B 276 -7.18 -7.19 8.90
N VAL B 277 -7.93 -6.45 8.09
CA VAL B 277 -7.77 -5.00 8.08
C VAL B 277 -8.10 -4.33 9.42
N THR B 278 -9.18 -4.77 10.07
CA THR B 278 -9.54 -4.18 11.36
C THR B 278 -8.42 -4.42 12.38
N SER B 279 -7.71 -5.53 12.23
CA SER B 279 -6.61 -5.87 13.13
C SER B 279 -5.38 -4.99 12.90
N ARG B 280 -5.36 -4.32 11.74
CA ARG B 280 -4.25 -3.44 11.39
C ARG B 280 -4.28 -2.07 12.07
N GLN B 281 -5.38 -1.76 12.76
CA GLN B 281 -5.46 -0.48 13.47
C GLN B 281 -4.74 -0.72 14.81
N MET B 282 -3.81 0.17 15.15
CA MET B 282 -3.03 0.03 16.36
C MET B 282 -3.80 0.43 17.62
N ARG B 283 -3.93 -0.52 18.54
CA ARG B 283 -4.66 -0.27 19.78
C ARG B 283 -4.14 0.93 20.56
N PHE B 284 -2.84 1.17 20.51
CA PHE B 284 -2.31 2.32 21.24
C PHE B 284 -2.26 3.61 20.42
N GLU B 285 -1.59 3.56 19.27
CA GLU B 285 -1.45 4.76 18.44
C GLU B 285 -2.75 5.27 17.81
N GLY B 286 -3.66 4.35 17.47
CA GLY B 286 -4.91 4.77 16.86
C GLY B 286 -4.84 4.77 15.34
N GLY B 287 -3.63 4.87 14.79
CA GLY B 287 -3.48 4.86 13.35
C GLY B 287 -3.38 3.42 12.88
N PHE B 288 -3.06 3.24 11.59
CA PHE B 288 -2.93 1.89 11.01
C PHE B 288 -1.50 1.55 10.59
N GLN B 289 -1.16 0.27 10.66
CA GLN B 289 0.15 -0.23 10.24
C GLN B 289 -0.12 -0.80 8.83
N GLY B 290 0.94 -1.02 8.06
CA GLY B 290 0.79 -1.54 6.71
C GLY B 290 0.69 -3.06 6.64
N ARG B 291 1.27 -3.72 7.62
CA ARG B 291 1.24 -5.17 7.69
C ARG B 291 1.46 -5.57 9.14
N CYS B 292 1.04 -6.77 9.51
CA CYS B 292 1.19 -7.24 10.87
C CYS B 292 2.62 -7.12 11.39
N ASN B 293 2.73 -6.62 12.62
CA ASN B 293 4.01 -6.45 13.30
C ASN B 293 4.99 -5.42 12.72
N LYS B 294 4.46 -4.47 11.96
CA LYS B 294 5.30 -3.39 11.47
C LYS B 294 4.73 -2.12 12.10
N LEU B 295 5.27 -0.96 11.73
CA LEU B 295 4.87 0.29 12.37
C LEU B 295 3.69 1.09 11.83
N VAL B 296 3.10 1.88 12.72
CA VAL B 296 1.98 2.75 12.39
C VAL B 296 2.53 3.77 11.38
N ASP B 297 1.67 4.26 10.50
CA ASP B 297 2.08 5.24 9.49
C ASP B 297 0.84 5.97 8.99
N GLY B 298 0.88 7.30 9.05
CA GLY B 298 -0.25 8.10 8.61
C GLY B 298 -0.84 7.82 7.23
N CYS B 299 -0.02 7.42 6.26
CA CYS B 299 -0.57 7.16 4.93
C CYS B 299 -1.54 5.99 4.91
N TYR B 300 -1.37 5.04 5.84
CA TYR B 300 -2.28 3.88 5.88
C TYR B 300 -3.64 4.32 6.41
N SER B 301 -3.76 5.58 6.81
CA SER B 301 -5.04 6.10 7.26
C SER B 301 -5.98 5.95 6.06
N PHE B 302 -5.42 5.96 4.86
CA PHE B 302 -6.22 5.78 3.67
C PHE B 302 -6.17 4.35 3.13
N TRP B 303 -4.96 3.87 2.84
CA TRP B 303 -4.81 2.53 2.27
C TRP B 303 -5.54 1.45 3.07
N GLN B 304 -5.43 1.51 4.40
CA GLN B 304 -6.09 0.52 5.25
C GLN B 304 -7.53 0.91 5.61
N ALA B 305 -7.69 2.08 6.23
CA ALA B 305 -9.03 2.51 6.64
C ALA B 305 -9.98 2.62 5.45
N GLY B 306 -9.42 2.93 4.28
CA GLY B 306 -10.23 3.05 3.08
C GLY B 306 -10.87 1.73 2.69
N LEU B 307 -10.34 0.63 3.20
CA LEU B 307 -10.91 -0.69 2.90
C LEU B 307 -12.25 -0.90 3.57
N LEU B 308 -12.52 -0.20 4.67
CA LEU B 308 -13.77 -0.39 5.38
C LEU B 308 -15.00 0.13 4.63
N PRO B 309 -14.89 1.28 3.95
CA PRO B 309 -16.09 1.73 3.22
C PRO B 309 -16.31 0.75 2.04
N LEU B 310 -15.22 0.25 1.48
CA LEU B 310 -15.31 -0.70 0.36
C LEU B 310 -15.97 -2.01 0.82
N LEU B 311 -15.57 -2.48 1.99
CA LEU B 311 -16.13 -3.70 2.56
C LEU B 311 -17.60 -3.47 2.91
N HIS B 312 -17.90 -2.30 3.46
CA HIS B 312 -19.27 -1.96 3.84
C HIS B 312 -20.18 -2.08 2.60
N ARG B 313 -19.76 -1.45 1.52
CA ARG B 313 -20.49 -1.47 0.26
C ARG B 313 -20.65 -2.90 -0.25
N ALA B 314 -19.58 -3.68 -0.21
CA ALA B 314 -19.60 -5.06 -0.67
C ALA B 314 -20.59 -5.92 0.13
N LEU B 315 -20.53 -5.81 1.45
CA LEU B 315 -21.42 -6.58 2.31
C LEU B 315 -22.85 -6.10 2.18
N HIS B 316 -23.02 -4.79 2.03
CA HIS B 316 -24.36 -4.20 1.89
C HIS B 316 -25.02 -4.72 0.61
N ALA B 317 -24.21 -4.92 -0.42
CA ALA B 317 -24.70 -5.41 -1.70
C ALA B 317 -25.21 -6.85 -1.56
N GLN B 318 -24.68 -7.58 -0.58
CA GLN B 318 -25.10 -8.97 -0.37
C GLN B 318 -26.25 -9.05 0.63
N GLY B 319 -26.73 -7.91 1.11
CA GLY B 319 -27.83 -7.90 2.05
C GLY B 319 -27.49 -8.23 3.48
N ASP B 320 -26.26 -7.93 3.90
CA ASP B 320 -25.82 -8.19 5.27
C ASP B 320 -26.70 -7.41 6.25
N PRO B 321 -27.55 -8.10 7.03
CA PRO B 321 -28.42 -7.43 7.98
C PRO B 321 -27.77 -6.89 9.26
N ALA B 322 -26.50 -7.22 9.48
CA ALA B 322 -25.80 -6.78 10.68
C ALA B 322 -24.96 -5.52 10.50
N LEU B 323 -24.83 -5.05 9.26
CA LEU B 323 -24.04 -3.84 8.99
C LEU B 323 -24.53 -2.61 9.74
N SER B 324 -23.59 -1.80 10.19
CA SER B 324 -23.94 -0.57 10.89
C SER B 324 -24.52 0.41 9.88
N MET B 325 -25.38 1.31 10.36
CA MET B 325 -25.97 2.32 9.51
C MET B 325 -25.45 3.71 9.91
N SER B 326 -24.36 3.73 10.68
CA SER B 326 -23.81 5.01 11.14
C SER B 326 -22.28 5.08 11.25
N HIS B 327 -21.61 3.93 11.30
CA HIS B 327 -20.15 3.92 11.42
C HIS B 327 -19.45 2.88 10.55
N TRP B 328 -18.20 3.17 10.20
CA TRP B 328 -17.36 2.25 9.43
C TRP B 328 -16.88 1.28 10.51
N MET B 329 -16.40 0.11 10.11
CA MET B 329 -15.93 -0.86 11.08
C MET B 329 -14.49 -0.73 11.54
N PHE B 330 -14.15 0.48 12.00
CA PHE B 330 -12.83 0.76 12.56
C PHE B 330 -13.07 1.92 13.53
N HIS B 331 -12.10 2.21 14.38
CA HIS B 331 -12.28 3.28 15.36
C HIS B 331 -12.06 4.63 14.68
N GLN B 332 -13.14 5.22 14.20
CA GLN B 332 -13.07 6.50 13.52
C GLN B 332 -12.45 7.61 14.36
N GLN B 333 -12.82 7.67 15.64
CA GLN B 333 -12.27 8.71 16.50
C GLN B 333 -10.78 8.53 16.72
N ALA B 334 -10.36 7.32 17.06
CA ALA B 334 -8.95 7.05 17.31
C ALA B 334 -8.07 7.41 16.11
N LEU B 335 -8.53 7.12 14.89
CA LEU B 335 -7.74 7.44 13.71
C LEU B 335 -7.61 8.95 13.57
N GLN B 336 -8.69 9.67 13.81
CA GLN B 336 -8.66 11.13 13.72
C GLN B 336 -7.68 11.70 14.75
N GLU B 337 -7.64 11.09 15.92
CA GLU B 337 -6.74 11.54 16.99
C GLU B 337 -5.28 11.33 16.59
N TYR B 338 -4.98 10.18 15.98
CA TYR B 338 -3.61 9.91 15.55
C TYR B 338 -3.17 10.92 14.49
N ILE B 339 -4.02 11.11 13.48
CA ILE B 339 -3.69 12.04 12.41
C ILE B 339 -3.53 13.48 12.91
N LEU B 340 -4.55 13.98 13.61
CA LEU B 340 -4.51 15.36 14.09
C LEU B 340 -3.42 15.67 15.12
N MET B 341 -3.17 14.75 16.05
CA MET B 341 -2.15 14.98 17.07
C MET B 341 -0.73 14.56 16.69
N CYS B 342 -0.61 13.51 15.87
CA CYS B 342 0.72 13.00 15.52
C CYS B 342 1.21 13.18 14.09
N CYS B 343 0.32 13.47 13.15
CA CYS B 343 0.75 13.57 11.75
C CYS B 343 0.78 14.93 11.08
N GLN B 344 0.67 16.00 11.87
CA GLN B 344 0.71 17.33 11.28
C GLN B 344 2.04 18.02 11.49
N CYS B 345 2.63 18.53 10.42
CA CYS B 345 3.88 19.26 10.53
C CYS B 345 3.49 20.69 10.88
N PRO B 346 4.08 21.25 11.95
CA PRO B 346 3.77 22.61 12.37
C PRO B 346 3.89 23.63 11.23
N ALA B 347 4.85 23.39 10.34
CA ALA B 347 5.08 24.29 9.21
C ALA B 347 4.16 24.03 8.03
N GLY B 348 3.25 23.07 8.17
CA GLY B 348 2.34 22.76 7.08
C GLY B 348 2.72 21.42 6.46
N GLY B 349 1.72 20.66 6.03
CA GLY B 349 1.98 19.35 5.46
C GLY B 349 1.78 18.29 6.51
N LEU B 350 1.57 17.05 6.09
CA LEU B 350 1.37 15.96 7.03
C LEU B 350 2.41 14.87 6.82
N LEU B 351 2.43 13.90 7.73
CA LEU B 351 3.45 12.87 7.62
C LEU B 351 3.14 11.49 8.18
N ASP B 352 4.15 10.63 8.05
CA ASP B 352 4.12 9.25 8.49
C ASP B 352 3.90 9.14 10.00
N LYS B 353 4.85 9.64 10.77
CA LYS B 353 4.75 9.61 12.22
C LYS B 353 5.67 10.69 12.80
N PRO B 354 5.51 11.00 14.10
CA PRO B 354 6.35 12.03 14.72
C PRO B 354 7.83 11.75 14.49
N GLY B 355 8.56 12.76 14.05
CA GLY B 355 9.98 12.57 13.80
C GLY B 355 10.32 12.46 12.33
N LYS B 356 9.32 12.19 11.51
CA LYS B 356 9.51 12.07 10.07
C LYS B 356 9.28 13.44 9.44
N SER B 357 9.78 13.61 8.22
CA SER B 357 9.61 14.88 7.55
C SER B 357 8.36 14.85 6.67
N ARG B 358 7.77 16.01 6.45
CA ARG B 358 6.57 16.11 5.62
C ARG B 358 6.89 15.81 4.15
N ASP B 359 5.87 15.39 3.42
CA ASP B 359 6.00 15.15 1.98
C ASP B 359 4.58 15.17 1.44
N PHE B 360 4.44 15.41 0.14
CA PHE B 360 3.11 15.49 -0.45
C PHE B 360 2.33 14.18 -0.44
N TYR B 361 3.05 13.06 -0.51
CA TYR B 361 2.41 11.75 -0.48
C TYR B 361 1.67 11.58 0.85
N HIS B 362 2.35 11.79 1.98
CA HIS B 362 1.70 11.64 3.27
C HIS B 362 0.65 12.72 3.50
N THR B 363 0.85 13.89 2.94
CA THR B 363 -0.13 14.95 3.10
C THR B 363 -1.43 14.49 2.44
N CYS B 364 -1.32 13.92 1.24
CA CYS B 364 -2.48 13.44 0.51
C CYS B 364 -3.21 12.31 1.22
N TYR B 365 -2.48 11.27 1.61
CA TYR B 365 -3.13 10.14 2.25
C TYR B 365 -3.56 10.34 3.70
N CYS B 366 -2.87 11.20 4.45
CA CYS B 366 -3.30 11.48 5.82
C CYS B 366 -4.63 12.21 5.73
N LEU B 367 -4.72 13.18 4.82
CA LEU B 367 -5.96 13.95 4.67
C LEU B 367 -7.06 13.07 4.11
N SER B 368 -6.72 12.21 3.15
CA SER B 368 -7.70 11.31 2.56
C SER B 368 -8.29 10.42 3.65
N GLY B 369 -7.42 9.90 4.50
CA GLY B 369 -7.86 9.04 5.59
C GLY B 369 -8.69 9.79 6.61
N LEU B 370 -8.31 11.03 6.91
CA LEU B 370 -9.06 11.83 7.87
C LEU B 370 -10.49 12.02 7.38
N SER B 371 -10.64 12.27 6.08
CA SER B 371 -11.96 12.47 5.48
C SER B 371 -12.82 11.21 5.60
N ILE B 372 -12.23 10.05 5.34
CA ILE B 372 -12.96 8.80 5.44
C ILE B 372 -13.41 8.58 6.89
N ALA B 373 -12.54 8.90 7.84
CA ALA B 373 -12.85 8.74 9.26
C ALA B 373 -13.95 9.68 9.73
N GLN B 374 -14.07 10.83 9.07
CA GLN B 374 -15.08 11.82 9.45
C GLN B 374 -16.45 11.55 8.84
N HIS B 375 -16.47 10.92 7.66
CA HIS B 375 -17.74 10.70 6.98
C HIS B 375 -18.19 9.29 6.67
N PHE B 376 -19.37 8.95 7.18
CA PHE B 376 -19.96 7.65 6.91
C PHE B 376 -21.14 7.90 5.98
N GLY B 377 -21.31 7.01 5.00
CA GLY B 377 -22.41 7.14 4.07
C GLY B 377 -22.78 5.80 3.46
N SER B 378 -24.03 5.41 3.60
CA SER B 378 -24.52 4.14 3.06
C SER B 378 -26.00 4.31 2.74
N GLY B 379 -26.35 4.18 1.47
CA GLY B 379 -27.74 4.34 1.08
C GLY B 379 -28.12 5.80 1.28
N ALA B 380 -29.18 6.04 2.04
CA ALA B 380 -29.62 7.41 2.31
C ALA B 380 -29.09 7.86 3.67
N MET B 381 -28.40 6.95 4.35
CA MET B 381 -27.84 7.24 5.67
C MET B 381 -26.49 7.96 5.60
N LEU B 382 -26.40 9.06 6.33
CA LEU B 382 -25.17 9.85 6.40
C LEU B 382 -24.93 10.19 7.87
N HIS B 383 -23.75 9.89 8.37
CA HIS B 383 -23.41 10.18 9.75
C HIS B 383 -21.97 10.67 9.86
N ASP B 384 -21.82 11.94 10.24
CA ASP B 384 -20.51 12.54 10.38
C ASP B 384 -19.99 12.56 11.81
N VAL B 385 -18.69 12.39 11.95
CA VAL B 385 -18.02 12.42 13.25
C VAL B 385 -16.78 13.27 13.05
N VAL B 386 -16.93 14.59 13.15
CA VAL B 386 -15.81 15.51 12.98
C VAL B 386 -15.21 15.87 14.34
N LEU B 387 -14.07 15.27 14.65
CA LEU B 387 -13.40 15.53 15.92
C LEU B 387 -12.73 16.90 15.91
N GLY B 388 -12.77 17.58 17.05
CA GLY B 388 -12.15 18.90 17.17
C GLY B 388 -13.05 20.03 16.74
N VAL B 389 -12.45 21.14 16.32
CA VAL B 389 -13.24 22.29 15.88
C VAL B 389 -13.96 21.89 14.59
N PRO B 390 -15.20 22.36 14.42
CA PRO B 390 -15.99 22.04 13.22
C PRO B 390 -15.30 22.32 11.89
N GLU B 391 -14.39 23.29 11.86
CA GLU B 391 -13.67 23.62 10.63
C GLU B 391 -12.79 22.47 10.16
N ASN B 392 -12.58 21.47 11.02
CA ASN B 392 -11.76 20.32 10.65
C ASN B 392 -12.42 19.48 9.55
N ALA B 393 -13.72 19.63 9.40
CA ALA B 393 -14.48 18.86 8.39
C ALA B 393 -13.90 19.02 6.99
N LEU B 394 -13.53 17.89 6.40
CA LEU B 394 -12.96 17.89 5.06
C LEU B 394 -14.01 17.50 4.05
N GLN B 395 -13.72 17.73 2.78
CA GLN B 395 -14.65 17.33 1.73
C GLN B 395 -14.56 15.82 1.63
N PRO B 396 -15.67 15.16 1.30
CA PRO B 396 -15.62 13.69 1.20
C PRO B 396 -14.73 13.20 0.06
N THR B 397 -14.34 11.93 0.12
CA THR B 397 -13.52 11.35 -0.93
C THR B 397 -14.13 10.00 -1.32
N HIS B 398 -14.02 9.64 -2.59
CA HIS B 398 -14.56 8.37 -3.08
C HIS B 398 -13.58 7.29 -2.65
N PRO B 399 -14.07 6.23 -1.97
CA PRO B 399 -13.22 5.14 -1.50
C PRO B 399 -12.50 4.32 -2.57
N VAL B 400 -13.05 4.28 -3.78
CA VAL B 400 -12.42 3.51 -4.86
C VAL B 400 -11.30 4.30 -5.56
N TYR B 401 -11.65 5.51 -6.03
CA TYR B 401 -10.71 6.35 -6.77
C TYR B 401 -9.88 7.34 -5.97
N ASN B 402 -10.36 7.70 -4.78
CA ASN B 402 -9.73 8.67 -3.90
C ASN B 402 -9.62 10.07 -4.51
N ILE B 403 -10.74 10.53 -5.06
CA ILE B 403 -10.89 11.88 -5.58
C ILE B 403 -12.34 12.17 -5.15
N GLY B 404 -12.75 13.43 -5.13
CA GLY B 404 -14.11 13.74 -4.71
C GLY B 404 -15.18 12.93 -5.40
N PRO B 405 -16.24 12.52 -4.69
CA PRO B 405 -17.34 11.73 -5.27
C PRO B 405 -17.99 12.53 -6.40
N ASP B 406 -18.04 13.84 -6.23
CA ASP B 406 -18.61 14.73 -7.24
C ASP B 406 -17.76 14.64 -8.50
N LYS B 407 -16.44 14.53 -8.33
CA LYS B 407 -15.52 14.44 -9.46
C LYS B 407 -15.70 13.12 -10.20
N VAL B 408 -15.94 12.05 -9.46
CA VAL B 408 -16.14 10.74 -10.06
C VAL B 408 -17.39 10.75 -10.94
N ILE B 409 -18.49 11.24 -10.38
CA ILE B 409 -19.76 11.28 -11.10
C ILE B 409 -19.67 12.13 -12.36
N GLN B 410 -19.08 13.31 -12.23
CA GLN B 410 -18.94 14.23 -13.35
C GLN B 410 -18.07 13.63 -14.46
N ALA B 411 -16.96 12.99 -14.08
CA ALA B 411 -16.07 12.40 -15.08
C ALA B 411 -16.73 11.20 -15.75
N THR B 412 -17.25 10.26 -14.96
CA THR B 412 -17.89 9.08 -15.53
C THR B 412 -19.06 9.47 -16.43
N THR B 413 -19.82 10.49 -16.03
CA THR B 413 -20.95 10.95 -16.84
C THR B 413 -20.46 11.49 -18.17
N TYR B 414 -19.40 12.29 -18.11
CA TYR B 414 -18.83 12.87 -19.31
C TYR B 414 -18.34 11.80 -20.28
N PHE B 415 -17.48 10.90 -19.80
CA PHE B 415 -16.94 9.86 -20.66
C PHE B 415 -17.94 8.80 -21.12
N LEU B 416 -19.01 8.59 -20.35
CA LEU B 416 -20.03 7.62 -20.75
C LEU B 416 -20.74 8.08 -22.02
N GLN B 417 -20.58 9.36 -22.35
CA GLN B 417 -21.20 9.92 -23.55
C GLN B 417 -20.32 9.67 -24.78
N LYS B 418 -19.17 9.07 -24.56
CA LYS B 418 -18.24 8.75 -25.63
C LYS B 418 -18.27 7.24 -25.81
N PRO B 419 -17.97 6.75 -27.02
CA PRO B 419 -18.00 5.30 -27.21
C PRO B 419 -16.70 4.68 -26.72
N VAL B 420 -16.72 3.38 -26.48
CA VAL B 420 -15.52 2.67 -26.07
C VAL B 420 -14.71 2.64 -27.37
N PRO B 421 -13.45 3.11 -27.35
CA PRO B 421 -12.58 3.15 -28.53
C PRO B 421 -12.57 1.89 -29.41
N GLY B 422 -13.06 2.03 -30.64
CA GLY B 422 -13.09 0.91 -31.56
C GLY B 422 -14.08 -0.14 -31.10
N PHE B 423 -14.91 0.26 -30.14
CA PHE B 423 -15.93 -0.59 -29.55
C PHE B 423 -15.35 -1.83 -28.89
C1 GLC C . -5.63 -17.73 0.24
C2 GLC C . -4.46 -18.10 -0.72
C3 GLC C . -4.43 -19.76 -0.80
C4 GLC C . -4.16 -20.32 0.64
C5 GLC C . -5.23 -19.78 1.66
C6 GLC C . -4.90 -20.09 3.13
O2 GLC C . -4.71 -17.59 -2.04
O3 GLC C . -3.35 -20.09 -1.66
O4 GLC C . -4.18 -21.75 0.54
O5 GLC C . -5.34 -18.31 1.56
O6 GLC C . -6.05 -19.87 3.95
C1 FRU C . -8.26 -16.61 -1.54
C2 FRU C . -8.15 -17.45 -0.22
C3 FRU C . -9.41 -18.26 0.16
C4 FRU C . -9.33 -18.27 1.69
C5 FRU C . -8.79 -16.87 2.02
C6 FRU C . -7.91 -16.75 3.27
O1 FRU C . -9.44 -15.80 -1.60
O2 FRU C . -6.92 -18.26 -0.25
O3 FRU C . -9.44 -19.59 -0.37
O4 FRU C . -10.59 -18.59 2.27
O5 FRU C . -8.00 -16.49 0.86
O6 FRU C . -7.83 -15.39 3.67
C ACY D . 9.51 1.26 -2.35
O ACY D . 9.44 0.04 -1.90
OXT ACY D . 9.42 1.68 -3.57
CH3 ACY D . 9.70 2.27 -1.25
C ACY E . 7.65 3.57 -7.68
O ACY E . 8.11 2.92 -8.72
OXT ACY E . 8.31 4.02 -6.67
CH3 ACY E . 6.14 3.84 -7.73
ZN ZN F . 3.66 6.24 4.79
C1 FPP G . 6.39 -2.03 1.78
O1 FPP G . 7.06 -0.81 2.02
C2 FPP G . 5.10 -1.82 1.01
C3 FPP G . 4.93 -2.13 -0.30
C4 FPP G . 6.01 -2.73 -1.17
C5 FPP G . 3.62 -1.92 -1.06
C6 FPP G . 2.78 -0.70 -0.63
C7 FPP G . 1.73 -0.36 -1.66
C8 FPP G . 0.86 0.67 -1.59
C10 FPP G . 0.83 1.66 -0.45
C9 FPP G . -0.17 0.95 -2.65
C11 FPP G . 0.35 1.69 -3.89
C12 FPP G . -0.80 2.09 -4.79
C13 FPP G . -0.68 2.53 -6.07
C14 FPP G . 0.63 2.68 -6.79
C15 FPP G . -1.87 2.89 -6.91
PA FPP G . 7.64 -0.55 3.48
O1A FPP G . 8.38 -1.74 4.04
O2A FPP G . 8.52 0.70 3.38
O3A FPP G . 6.42 -0.13 4.43
PB FPP G . 5.89 -0.76 5.77
O1B FPP G . 6.97 -0.91 6.81
O2B FPP G . 5.28 -2.12 5.34
O3B FPP G . 4.75 0.19 6.22
C1 U49 H . 5.03 6.22 -4.13
C2 U49 H . 6.33 6.80 -4.05
C3 U49 H . 4.19 6.49 -5.27
C4 U49 H . 4.54 5.37 -3.14
N5 U49 H . 7.10 6.47 -2.89
C6 U49 H . 6.80 7.65 -5.12
C7 U49 H . 2.89 5.90 -5.34
C8 U49 H . 4.66 7.34 -6.32
C9 U49 H . 3.27 4.77 -3.18
C10 U49 H . 8.25 5.54 -2.93
C11 U49 H . 6.95 7.06 -1.62
C12 U49 H . 5.96 7.91 -6.24
C13 U49 H . 2.42 5.04 -4.30
O14 U49 H . 2.85 3.79 -2.25
C15 U49 H . 9.06 5.86 -1.67
C17 U49 H . 7.88 6.28 -0.78
C18 U49 H . 3.92 2.94 -1.79
C20 U49 H . 4.63 2.01 -2.63
C21 U49 H . 4.26 3.05 -0.42
C22 U49 H . 7.47 4.83 0.94
C23 U49 H . 5.68 1.23 -2.07
C24 U49 H . 4.28 1.90 -4.03
C25 U49 H . 5.30 2.25 0.15
C26 U49 H . 6.34 4.80 1.91
C27 U49 H . 6.01 1.35 -0.69
N28 U49 H . 3.93 1.87 -5.12
C29 U49 H . 5.69 2.34 1.63
N30 U49 H . 5.57 3.69 2.19
C31 U49 H . 5.82 5.79 2.72
C32 U49 H . 4.66 4.05 3.13
N33 U49 H . 4.79 5.32 3.47
O39 U49 H . 6.27 7.98 -1.28
N54 U49 H . 7.83 6.20 0.63
#